data_9HYN
#
_entry.id   9HYN
#
_cell.length_a   79.941
_cell.length_b   118.226
_cell.length_c   122.702
_cell.angle_alpha   90
_cell.angle_beta   90
_cell.angle_gamma   90
#
_symmetry.space_group_name_H-M   'P 21 21 21'
#
loop_
_entity.id
_entity.type
_entity.pdbx_description
1 polymer Elongin-B
2 polymer Elongin-C
3 polymer 'von Hippel-Lindau disease tumor suppressor'
4 polymer 'Isoform Short of Probable global transcription activator SNF2L2'
5 non-polymer (2~{S},4~{R})-~{N}-[[2-[2-[2-[4-[(6-bromanyl-3-methyl-5-oxidanylidene-4~{H}-imidazo[1,2-a]quinazolin-2-yl)methyl]piperazin-1-yl]ethoxy]ethoxy]-4-(4-methyl-1,3-thiazol-5-yl)phenyl]methyl]-1-[(2~{S})-2-[(1-fluoranylcyclopropyl)carbonylamino]-3,3-dimethyl-butanoyl]-4-oxidanyl-pyrrolidine-2-carboxamide
6 water water
#
loop_
_entity_poly.entity_id
_entity_poly.type
_entity_poly.pdbx_seq_one_letter_code
_entity_poly.pdbx_strand_id
1 'polypeptide(L)'
;MDVFLMIRRHKTTIFTDAKESSTVFELKRIVEGILKRPPDEQRLYKDDQLLDDGKTLGECGFTSQTARPQAPATVGLAFR
ADDTFEALCIEPFSSPPELPDVMK
;
A,D
2 'polypeptide(L)'
;MMYVKLISSDGHEFIVKREHALTSGTIKAMLSGPGQFAENETNEVNFREIPSHVLSKVCMYFTYKVRYTNSSTEIPEFPI
APEIALELLMAANFLDCLELLMA
;
B,E
3 'polypeptide(L)'
;GSMEAGRPRPVLRSVNSREPSQVIFCNRSPRVVLPVWLNFDGEPQPYPTLPPGTGRRIHSYRGHLWLFRDAGTHDGLLVN
QTELFVPSLNVDGQPIFANITLPVYTLKERCLQVVRSLVKPENYRRLDIVRSLYEDLEDHPNVQKDLERLTQERIAHQRM
GDTQERIA
;
C,F
4 'polypeptide(L)'
;SMAEKLSPNPPKLTKQMNAIIDTVINYKDSSGRQLSEVFIQLPSRKELPEYYELIRKPVDFKKIKERIRNHKYRSLGDLE
KDVMLLCHNAQTFNLEGSQIYEDSIVLQSVFKSARQKIAKEEEKSARQK
;
G,H
#
# COMPACT_ATOMS: atom_id res chain seq x y z
N MET A 1 17.33 -6.60 2.17
CA MET A 1 16.58 -7.25 1.11
C MET A 1 16.91 -8.74 1.13
N ASP A 2 15.97 -9.57 1.66
CA ASP A 2 16.19 -11.01 1.84
C ASP A 2 15.85 -11.83 0.60
N VAL A 3 16.59 -12.92 0.43
CA VAL A 3 16.50 -13.88 -0.66
C VAL A 3 16.26 -15.25 0.01
N PHE A 4 15.28 -16.04 -0.47
CA PHE A 4 14.92 -17.35 0.11
C PHE A 4 15.31 -18.46 -0.84
N LEU A 5 16.21 -19.35 -0.40
CA LEU A 5 16.80 -20.38 -1.24
C LEU A 5 16.53 -21.81 -0.83
N MET A 6 16.89 -22.73 -1.73
CA MET A 6 16.83 -24.18 -1.57
C MET A 6 18.19 -24.71 -2.04
N ILE A 7 19.13 -25.01 -1.13
CA ILE A 7 20.45 -25.52 -1.52
C ILE A 7 20.29 -27.02 -1.66
N ARG A 8 20.44 -27.57 -2.88
CA ARG A 8 20.21 -28.98 -3.18
C ARG A 8 21.40 -29.78 -3.70
N ARG A 9 21.57 -31.00 -3.15
CA ARG A 9 22.60 -31.96 -3.56
C ARG A 9 22.04 -33.37 -3.37
N HIS A 10 22.02 -34.20 -4.43
CA HIS A 10 21.52 -35.57 -4.37
C HIS A 10 20.08 -35.58 -3.80
N LYS A 11 19.84 -36.20 -2.60
CA LYS A 11 18.52 -36.21 -1.95
C LYS A 11 18.54 -35.32 -0.68
N THR A 12 19.39 -34.27 -0.64
CA THR A 12 19.45 -33.32 0.49
C THR A 12 18.94 -31.97 -0.04
N THR A 13 18.18 -31.23 0.79
CA THR A 13 17.67 -29.90 0.44
C THR A 13 17.71 -29.02 1.68
N ILE A 14 18.57 -27.98 1.69
CA ILE A 14 18.65 -27.06 2.81
C ILE A 14 17.78 -25.86 2.48
N PHE A 15 16.88 -25.49 3.40
CA PHE A 15 16.05 -24.29 3.28
C PHE A 15 16.73 -23.22 4.09
N THR A 16 17.13 -22.10 3.46
CA THR A 16 17.77 -21.01 4.16
C THR A 16 17.49 -19.68 3.47
N ASP A 17 17.71 -18.60 4.22
CA ASP A 17 17.56 -17.24 3.72
C ASP A 17 18.92 -16.54 3.80
N ALA A 18 19.13 -15.57 2.94
CA ALA A 18 20.35 -14.77 2.90
C ALA A 18 20.01 -13.40 2.36
N LYS A 19 20.91 -12.44 2.52
CA LYS A 19 20.67 -11.09 2.00
C LYS A 19 21.05 -11.06 0.53
N GLU A 20 20.46 -10.14 -0.24
CA GLU A 20 20.76 -10.00 -1.67
C GLU A 20 22.22 -9.52 -1.87
N SER A 21 22.76 -8.72 -0.92
CA SER A 21 24.14 -8.23 -0.94
C SER A 21 25.16 -9.25 -0.41
N SER A 22 24.70 -10.39 0.16
CA SER A 22 25.56 -11.45 0.67
C SER A 22 26.27 -12.13 -0.51
N THR A 23 27.50 -12.62 -0.29
CA THR A 23 28.28 -13.28 -1.35
C THR A 23 28.02 -14.78 -1.40
N VAL A 24 28.53 -15.41 -2.47
CA VAL A 24 28.45 -16.85 -2.69
C VAL A 24 29.36 -17.54 -1.66
N PHE A 25 30.50 -16.91 -1.30
CA PHE A 25 31.41 -17.45 -0.29
C PHE A 25 30.74 -17.47 1.09
N GLU A 26 30.00 -16.41 1.44
CA GLU A 26 29.25 -16.35 2.71
C GLU A 26 28.15 -17.42 2.75
N LEU A 27 27.58 -17.78 1.58
CA LEU A 27 26.58 -18.86 1.48
C LEU A 27 27.27 -20.22 1.66
N LYS A 28 28.53 -20.37 1.19
CA LYS A 28 29.29 -21.60 1.41
C LYS A 28 29.64 -21.79 2.89
N ARG A 29 29.79 -20.70 3.66
CA ARG A 29 30.03 -20.76 5.11
C ARG A 29 28.76 -21.23 5.85
N ILE A 30 27.57 -20.87 5.33
CA ILE A 30 26.29 -21.33 5.90
C ILE A 30 26.15 -22.85 5.67
N VAL A 31 26.60 -23.36 4.50
CA VAL A 31 26.57 -24.80 4.19
C VAL A 31 27.59 -25.54 5.07
N GLU A 32 28.75 -24.90 5.37
CA GLU A 32 29.77 -25.48 6.25
C GLU A 32 29.21 -25.69 7.66
N GLY A 33 28.45 -24.72 8.17
CA GLY A 33 27.85 -24.85 9.50
C GLY A 33 26.81 -25.95 9.61
N ILE A 34 26.12 -26.27 8.49
CA ILE A 34 25.08 -27.29 8.43
C ILE A 34 25.63 -28.68 8.06
N LEU A 35 26.29 -28.81 6.89
CA LEU A 35 26.80 -30.10 6.40
C LEU A 35 28.29 -30.36 6.69
N LYS A 36 28.98 -29.44 7.38
CA LYS A 36 30.37 -29.61 7.84
C LYS A 36 31.38 -29.94 6.72
N ARG A 37 31.25 -29.25 5.57
CA ARG A 37 32.19 -29.33 4.44
C ARG A 37 32.72 -27.90 4.27
N PRO A 38 34.05 -27.65 4.29
CA PRO A 38 34.51 -26.27 4.14
C PRO A 38 34.23 -25.66 2.76
N PRO A 39 34.23 -24.31 2.61
CA PRO A 39 33.98 -23.71 1.30
C PRO A 39 34.87 -24.19 0.14
N ASP A 40 36.16 -24.54 0.42
CA ASP A 40 37.06 -25.03 -0.63
C ASP A 40 36.67 -26.43 -1.14
N GLU A 41 35.81 -27.15 -0.40
CA GLU A 41 35.30 -28.46 -0.81
C GLU A 41 33.85 -28.33 -1.35
N GLN A 42 33.49 -27.15 -1.91
CA GLN A 42 32.15 -26.89 -2.44
C GLN A 42 32.15 -26.17 -3.78
N ARG A 43 31.07 -26.39 -4.54
CA ARG A 43 30.78 -25.72 -5.81
C ARG A 43 29.29 -25.43 -5.82
N LEU A 44 28.90 -24.16 -5.96
CA LEU A 44 27.49 -23.77 -6.01
C LEU A 44 27.11 -23.35 -7.42
N TYR A 45 25.89 -23.68 -7.85
CA TYR A 45 25.40 -23.40 -9.21
C TYR A 45 24.00 -22.81 -9.22
N LYS A 46 23.69 -22.05 -10.28
CA LYS A 46 22.34 -21.54 -10.57
C LYS A 46 22.08 -22.17 -11.94
N ASP A 47 21.26 -23.23 -11.97
CA ASP A 47 21.00 -24.07 -13.15
C ASP A 47 22.30 -24.86 -13.42
N ASP A 48 23.00 -24.65 -14.55
CA ASP A 48 24.25 -25.35 -14.85
C ASP A 48 25.48 -24.43 -14.78
N GLN A 49 25.29 -23.13 -14.39
CA GLN A 49 26.34 -22.13 -14.33
C GLN A 49 26.99 -22.07 -12.95
N LEU A 50 28.33 -22.24 -12.86
CA LEU A 50 29.06 -22.18 -11.60
C LEU A 50 29.09 -20.75 -11.06
N LEU A 51 28.84 -20.59 -9.75
CA LEU A 51 28.81 -19.29 -9.10
C LEU A 51 30.17 -18.91 -8.50
N ASP A 52 30.61 -17.66 -8.75
CA ASP A 52 31.89 -17.12 -8.27
C ASP A 52 31.78 -16.79 -6.78
N ASP A 53 32.83 -17.10 -5.99
CA ASP A 53 32.88 -16.79 -4.55
C ASP A 53 32.70 -15.30 -4.21
N GLY A 54 33.29 -14.42 -5.02
CA GLY A 54 33.22 -12.97 -4.81
C GLY A 54 31.92 -12.30 -5.21
N LYS A 55 31.15 -12.89 -6.15
CA LYS A 55 29.88 -12.31 -6.62
C LYS A 55 28.81 -12.37 -5.53
N THR A 56 27.91 -11.37 -5.50
CA THR A 56 26.81 -11.33 -4.54
C THR A 56 25.65 -12.18 -5.05
N LEU A 57 24.68 -12.47 -4.18
CA LEU A 57 23.48 -13.25 -4.54
C LEU A 57 22.67 -12.53 -5.63
N GLY A 58 22.57 -11.20 -5.54
CA GLY A 58 21.90 -10.38 -6.52
C GLY A 58 22.59 -10.38 -7.88
N GLU A 59 23.93 -10.38 -7.88
CA GLU A 59 24.73 -10.44 -9.12
C GLU A 59 24.60 -11.81 -9.80
N CYS A 60 24.37 -12.89 -9.04
CA CYS A 60 24.16 -14.23 -9.58
C CYS A 60 22.76 -14.38 -10.21
N GLY A 61 21.81 -13.54 -9.79
CA GLY A 61 20.45 -13.53 -10.30
C GLY A 61 19.38 -13.83 -9.27
N PHE A 62 19.76 -14.10 -8.00
CA PHE A 62 18.81 -14.36 -6.93
C PHE A 62 18.32 -13.03 -6.34
N THR A 63 17.09 -12.61 -6.70
CA THR A 63 16.48 -11.36 -6.22
C THR A 63 15.20 -11.69 -5.47
N SER A 64 14.57 -10.67 -4.84
CA SER A 64 13.34 -10.87 -4.07
C SER A 64 12.13 -11.28 -4.94
N GLN A 65 12.10 -10.91 -6.23
CA GLN A 65 11.00 -11.34 -7.11
C GLN A 65 11.23 -12.76 -7.64
N THR A 66 12.51 -13.24 -7.73
CA THR A 66 12.84 -14.58 -8.22
C THR A 66 13.17 -15.61 -7.13
N ALA A 67 13.27 -15.20 -5.84
CA ALA A 67 13.56 -16.13 -4.73
C ALA A 67 12.74 -15.73 -3.50
N ARG A 68 11.44 -16.03 -3.56
CA ARG A 68 10.45 -15.68 -2.53
C ARG A 68 10.31 -16.78 -1.46
N PRO A 69 9.84 -16.46 -0.23
CA PRO A 69 9.67 -17.52 0.79
C PRO A 69 8.79 -18.70 0.33
N GLN A 70 7.67 -18.37 -0.32
CA GLN A 70 6.70 -19.35 -0.85
C GLN A 70 7.11 -20.02 -2.18
N ALA A 71 8.14 -19.50 -2.87
CA ALA A 71 8.65 -20.03 -4.14
C ALA A 71 10.16 -19.73 -4.23
N PRO A 72 10.97 -20.43 -3.42
CA PRO A 72 12.42 -20.13 -3.36
C PRO A 72 13.22 -20.61 -4.56
N ALA A 73 14.36 -19.95 -4.83
CA ALA A 73 15.24 -20.32 -5.94
C ALA A 73 16.11 -21.49 -5.54
N THR A 74 16.41 -22.39 -6.50
CA THR A 74 17.24 -23.56 -6.27
C THR A 74 18.70 -23.21 -6.50
N VAL A 75 19.57 -23.66 -5.59
CA VAL A 75 21.01 -23.48 -5.69
C VAL A 75 21.60 -24.88 -5.74
N GLY A 76 22.21 -25.22 -6.86
CA GLY A 76 22.85 -26.52 -7.03
C GLY A 76 24.13 -26.60 -6.22
N LEU A 77 24.39 -27.74 -5.58
CA LEU A 77 25.57 -27.93 -4.74
C LEU A 77 26.27 -29.25 -5.10
N ALA A 78 27.61 -29.20 -5.24
CA ALA A 78 28.44 -30.37 -5.55
C ALA A 78 29.67 -30.32 -4.62
N PHE A 79 29.98 -31.43 -3.93
CA PHE A 79 31.10 -31.52 -2.99
C PHE A 79 32.36 -32.12 -3.60
N ARG A 80 33.53 -31.79 -3.00
CA ARG A 80 34.83 -32.34 -3.43
C ARG A 80 34.94 -33.77 -2.91
N ALA A 81 35.50 -34.64 -3.74
CA ALA A 81 35.61 -36.07 -3.47
C ALA A 81 36.98 -36.60 -3.95
N ASP A 82 37.84 -37.06 -3.01
CA ASP A 82 39.21 -37.56 -3.26
C ASP A 82 40.20 -36.43 -3.63
N ASP A 83 40.07 -35.91 -4.86
CA ASP A 83 40.94 -34.86 -5.43
C ASP A 83 40.14 -33.97 -6.38
N THR A 84 39.42 -34.59 -7.34
CA THR A 84 38.53 -33.89 -8.27
C THR A 84 37.20 -33.57 -7.56
N PHE A 85 36.26 -32.97 -8.29
CA PHE A 85 34.93 -32.64 -7.77
C PHE A 85 33.91 -33.56 -8.42
N GLU A 86 32.80 -33.86 -7.71
CA GLU A 86 31.76 -34.71 -8.29
C GLU A 86 30.91 -33.88 -9.25
N ALA A 87 30.17 -34.57 -10.13
CA ALA A 87 29.27 -33.91 -11.09
C ALA A 87 28.03 -33.42 -10.35
N LEU A 88 27.48 -32.27 -10.76
CA LEU A 88 26.27 -31.73 -10.13
C LEU A 88 25.11 -32.69 -10.40
N CYS A 89 24.54 -33.27 -9.33
CA CYS A 89 23.41 -34.19 -9.41
C CYS A 89 22.37 -33.79 -8.36
N ILE A 90 21.17 -33.39 -8.82
CA ILE A 90 20.06 -33.02 -7.94
C ILE A 90 18.98 -34.06 -8.23
N GLU A 91 18.70 -34.95 -7.27
CA GLU A 91 17.69 -35.99 -7.46
C GLU A 91 16.32 -35.31 -7.46
N PRO A 92 15.51 -35.44 -8.53
CA PRO A 92 14.22 -34.74 -8.55
C PRO A 92 13.22 -35.27 -7.54
N PHE A 93 12.26 -34.42 -7.15
CA PHE A 93 11.19 -34.82 -6.23
C PHE A 93 10.23 -35.76 -6.98
N SER A 94 9.37 -36.45 -6.24
CA SER A 94 8.45 -37.41 -6.86
C SER A 94 7.31 -36.67 -7.55
N SER A 95 6.73 -37.28 -8.58
CA SER A 95 5.67 -36.64 -9.36
C SER A 95 4.30 -36.77 -8.69
N PRO A 96 3.42 -35.76 -8.80
CA PRO A 96 2.07 -35.90 -8.24
C PRO A 96 1.23 -36.84 -9.12
N PRO A 97 0.15 -37.44 -8.60
CA PRO A 97 -0.68 -38.32 -9.46
C PRO A 97 -1.46 -37.56 -10.52
N GLU A 98 -2.21 -38.29 -11.37
CA GLU A 98 -3.03 -37.68 -12.42
C GLU A 98 -4.12 -36.84 -11.76
N LEU A 99 -4.42 -35.66 -12.34
CA LEU A 99 -5.44 -34.76 -11.78
C LEU A 99 -6.82 -35.45 -11.93
N PRO A 100 -7.58 -35.72 -10.83
CA PRO A 100 -8.87 -36.41 -10.98
C PRO A 100 -9.91 -35.70 -11.84
N ASP A 101 -10.94 -36.46 -12.29
CA ASP A 101 -12.05 -35.96 -13.12
C ASP A 101 -12.81 -34.84 -12.38
N VAL A 102 -12.98 -34.98 -11.05
CA VAL A 102 -13.65 -33.99 -10.20
C VAL A 102 -12.98 -32.60 -10.30
N MET A 103 -11.65 -32.56 -10.42
CA MET A 103 -10.87 -31.31 -10.57
C MET A 103 -10.70 -30.92 -12.03
N LYS A 104 -10.61 -31.91 -12.96
CA LYS A 104 -10.43 -31.66 -14.40
C LYS A 104 -11.54 -30.74 -14.96
N MET B 1 22.75 -21.21 14.16
CA MET B 1 21.30 -21.39 14.20
C MET B 1 20.96 -22.87 14.39
N MET B 2 19.80 -23.15 15.02
CA MET B 2 19.29 -24.52 15.27
C MET B 2 18.51 -25.06 14.07
N TYR B 3 18.90 -26.23 13.54
CA TYR B 3 18.25 -26.86 12.39
C TYR B 3 17.69 -28.25 12.74
N VAL B 4 16.74 -28.73 11.92
CA VAL B 4 16.10 -30.05 12.08
C VAL B 4 15.95 -30.70 10.71
N LYS B 5 16.09 -32.02 10.64
CA LYS B 5 15.97 -32.77 9.39
C LYS B 5 14.58 -33.41 9.33
N LEU B 6 13.90 -33.25 8.20
CA LEU B 6 12.57 -33.81 7.95
C LEU B 6 12.70 -34.75 6.75
N ILE B 7 12.49 -36.06 6.94
CA ILE B 7 12.64 -37.07 5.88
C ILE B 7 11.27 -37.49 5.32
N SER B 8 11.14 -37.49 3.98
CA SER B 8 9.90 -37.87 3.29
C SER B 8 9.82 -39.39 3.11
N SER B 9 8.68 -39.89 2.58
CA SER B 9 8.47 -41.32 2.34
C SER B 9 9.47 -41.91 1.32
N ASP B 10 9.86 -41.11 0.30
CA ASP B 10 10.81 -41.53 -0.74
C ASP B 10 12.30 -41.18 -0.43
N GLY B 11 12.60 -40.82 0.82
CA GLY B 11 13.96 -40.58 1.29
C GLY B 11 14.58 -39.21 1.13
N HIS B 12 13.84 -38.18 0.65
CA HIS B 12 14.41 -36.83 0.55
C HIS B 12 14.51 -36.20 1.94
N GLU B 13 15.69 -35.68 2.29
CA GLU B 13 15.94 -35.04 3.59
C GLU B 13 15.83 -33.53 3.41
N PHE B 14 14.98 -32.87 4.23
CA PHE B 14 14.78 -31.43 4.16
C PHE B 14 15.27 -30.79 5.45
N ILE B 15 16.37 -30.04 5.38
CA ILE B 15 16.96 -29.37 6.54
C ILE B 15 16.35 -27.96 6.64
N VAL B 16 15.50 -27.74 7.66
CA VAL B 16 14.82 -26.46 7.92
C VAL B 16 15.20 -25.98 9.31
N LYS B 17 15.00 -24.68 9.61
CA LYS B 17 15.29 -24.15 10.94
C LYS B 17 14.31 -24.75 11.96
N ARG B 18 14.76 -24.92 13.21
CA ARG B 18 13.92 -25.50 14.27
C ARG B 18 12.70 -24.61 14.51
N GLU B 19 12.91 -23.28 14.56
CA GLU B 19 11.85 -22.27 14.73
C GLU B 19 10.81 -22.37 13.60
N HIS B 20 11.26 -22.66 12.36
CA HIS B 20 10.39 -22.78 11.19
C HIS B 20 9.55 -24.05 11.27
N ALA B 21 10.20 -25.20 11.54
CA ALA B 21 9.52 -26.50 11.69
C ALA B 21 8.55 -26.54 12.88
N LEU B 22 8.78 -25.67 13.90
CA LEU B 22 7.89 -25.57 15.07
C LEU B 22 6.51 -25.00 14.71
N THR B 23 6.33 -24.43 13.50
CA THR B 23 5.03 -23.97 12.96
C THR B 23 3.97 -25.07 13.04
N SER B 24 4.37 -26.34 12.77
CA SER B 24 3.46 -27.48 12.81
C SER B 24 3.32 -28.03 14.23
N GLY B 25 2.07 -28.26 14.65
CA GLY B 25 1.74 -28.78 15.97
C GLY B 25 2.19 -30.22 16.18
N THR B 26 2.11 -31.05 15.13
CA THR B 26 2.54 -32.45 15.21
C THR B 26 4.07 -32.54 15.36
N ILE B 27 4.84 -31.67 14.65
CA ILE B 27 6.31 -31.64 14.78
C ILE B 27 6.68 -31.19 16.20
N LYS B 28 5.95 -30.21 16.78
CA LYS B 28 6.16 -29.74 18.16
C LYS B 28 6.08 -30.90 19.16
N ALA B 29 5.09 -31.81 18.99
CA ALA B 29 4.90 -32.95 19.90
C ALA B 29 6.06 -33.96 19.81
N MET B 30 6.32 -34.57 18.64
CA MET B 30 7.43 -35.54 18.52
C MET B 30 8.81 -34.92 18.74
N LEU B 31 9.05 -33.69 18.27
CA LEU B 31 10.33 -33.01 18.49
C LEU B 31 10.34 -32.43 19.92
N SER B 32 10.92 -33.18 20.88
CA SER B 32 11.00 -32.82 22.30
C SER B 32 9.63 -32.60 22.94
N ASN B 43 16.58 -34.61 16.80
CA ASN B 43 16.54 -33.62 15.72
C ASN B 43 15.90 -34.14 14.43
N GLU B 44 15.93 -35.47 14.17
CA GLU B 44 15.33 -36.07 12.96
C GLU B 44 13.84 -36.37 13.15
N VAL B 45 13.05 -36.31 12.06
CA VAL B 45 11.61 -36.63 12.05
C VAL B 45 11.31 -37.33 10.71
N ASN B 46 10.72 -38.53 10.74
CA ASN B 46 10.39 -39.31 9.55
C ASN B 46 8.89 -39.22 9.21
N PHE B 47 8.56 -39.23 7.90
CA PHE B 47 7.18 -39.17 7.41
C PHE B 47 6.98 -40.25 6.35
N ARG B 48 6.48 -41.44 6.74
CA ARG B 48 6.30 -42.53 5.78
C ARG B 48 5.11 -42.34 4.81
N GLU B 49 4.16 -41.42 5.10
CA GLU B 49 3.02 -41.17 4.20
C GLU B 49 3.05 -39.79 3.50
N ILE B 50 4.14 -38.99 3.64
CA ILE B 50 4.24 -37.68 2.97
C ILE B 50 5.39 -37.78 1.96
N PRO B 51 5.11 -37.71 0.64
CA PRO B 51 6.22 -37.76 -0.33
C PRO B 51 6.99 -36.44 -0.44
N SER B 52 8.17 -36.49 -1.10
CA SER B 52 9.09 -35.35 -1.24
C SER B 52 8.50 -34.07 -1.84
N HIS B 53 7.75 -34.17 -2.94
CA HIS B 53 7.12 -32.99 -3.57
C HIS B 53 6.10 -32.27 -2.65
N VAL B 54 5.46 -33.02 -1.73
CA VAL B 54 4.51 -32.46 -0.77
C VAL B 54 5.30 -31.87 0.39
N LEU B 55 6.27 -32.63 0.94
CA LEU B 55 7.09 -32.17 2.08
C LEU B 55 7.92 -30.92 1.75
N SER B 56 8.40 -30.77 0.49
CA SER B 56 9.13 -29.58 0.07
C SER B 56 8.19 -28.37 0.08
N LYS B 57 6.92 -28.58 -0.32
CA LYS B 57 5.90 -27.51 -0.32
C LYS B 57 5.50 -27.13 1.11
N VAL B 58 5.52 -28.10 2.05
CA VAL B 58 5.23 -27.84 3.47
C VAL B 58 6.39 -27.00 4.08
N CYS B 59 7.63 -27.26 3.67
CA CYS B 59 8.78 -26.49 4.12
C CYS B 59 8.73 -25.04 3.57
N MET B 60 8.19 -24.86 2.34
CA MET B 60 8.01 -23.55 1.72
C MET B 60 6.94 -22.76 2.44
N TYR B 61 5.94 -23.46 3.03
CA TYR B 61 4.92 -22.80 3.84
C TYR B 61 5.53 -22.33 5.16
N PHE B 62 6.42 -23.13 5.80
CA PHE B 62 7.05 -22.73 7.06
C PHE B 62 7.88 -21.44 6.89
N THR B 63 8.54 -21.26 5.74
CA THR B 63 9.30 -20.04 5.45
C THR B 63 8.33 -18.86 5.25
N TYR B 64 7.23 -19.11 4.51
CA TYR B 64 6.18 -18.12 4.25
C TYR B 64 5.47 -17.70 5.56
N LYS B 65 5.24 -18.67 6.47
CA LYS B 65 4.59 -18.48 7.78
C LYS B 65 5.45 -17.52 8.62
N VAL B 66 6.71 -17.88 8.88
CA VAL B 66 7.61 -17.09 9.72
C VAL B 66 7.92 -15.71 9.13
N ARG B 67 8.08 -15.61 7.80
CA ARG B 67 8.40 -14.34 7.16
C ARG B 67 7.27 -13.31 7.21
N TYR B 68 6.01 -13.74 6.94
CA TYR B 68 4.89 -12.79 6.85
C TYR B 68 3.96 -12.71 8.07
N THR B 69 4.13 -13.55 9.11
CA THR B 69 3.27 -13.45 10.30
C THR B 69 3.73 -12.27 11.15
N ASN B 70 2.78 -11.39 11.54
CA ASN B 70 3.03 -10.17 12.32
C ASN B 70 4.04 -9.28 11.58
N SER B 71 3.80 -9.10 10.26
CA SER B 71 4.66 -8.34 9.35
C SER B 71 3.87 -7.20 8.73
N SER B 72 4.53 -6.04 8.53
CA SER B 72 3.92 -4.85 7.93
C SER B 72 4.12 -4.77 6.40
N THR B 73 5.00 -5.64 5.84
CA THR B 73 5.21 -5.72 4.38
C THR B 73 3.97 -6.38 3.76
N GLU B 74 3.70 -6.14 2.46
CA GLU B 74 2.52 -6.73 1.80
C GLU B 74 2.60 -8.26 1.78
N ILE B 75 1.49 -8.94 2.12
CA ILE B 75 1.44 -10.40 2.16
C ILE B 75 1.10 -10.89 0.74
N PRO B 76 1.99 -11.67 0.07
CA PRO B 76 1.62 -12.19 -1.25
C PRO B 76 0.80 -13.47 -1.07
N GLU B 77 0.21 -13.97 -2.16
CA GLU B 77 -0.58 -15.21 -2.12
C GLU B 77 0.35 -16.42 -2.03
N PHE B 78 0.01 -17.43 -1.20
CA PHE B 78 0.76 -18.68 -1.12
C PHE B 78 0.21 -19.54 -2.27
N PRO B 79 0.99 -19.86 -3.32
CA PRO B 79 0.42 -20.62 -4.45
C PRO B 79 0.43 -22.12 -4.22
N ILE B 80 -0.65 -22.79 -4.65
CA ILE B 80 -0.80 -24.24 -4.60
C ILE B 80 -1.30 -24.67 -5.98
N ALA B 81 -0.54 -25.50 -6.70
CA ALA B 81 -0.95 -25.97 -8.03
C ALA B 81 -2.10 -26.98 -7.90
N PRO B 82 -3.02 -27.06 -8.87
CA PRO B 82 -4.13 -28.04 -8.75
C PRO B 82 -3.74 -29.52 -8.53
N GLU B 83 -2.57 -29.96 -9.04
CA GLU B 83 -2.15 -31.36 -8.93
C GLU B 83 -1.69 -31.73 -7.51
N ILE B 84 -1.13 -30.77 -6.75
CA ILE B 84 -0.61 -31.00 -5.39
C ILE B 84 -1.62 -30.66 -4.27
N ALA B 85 -2.72 -29.94 -4.58
CA ALA B 85 -3.74 -29.49 -3.62
C ALA B 85 -4.31 -30.57 -2.68
N LEU B 86 -4.58 -31.78 -3.19
CA LEU B 86 -5.16 -32.84 -2.36
C LEU B 86 -4.15 -33.44 -1.38
N GLU B 87 -2.97 -33.88 -1.87
CA GLU B 87 -1.95 -34.46 -0.99
C GLU B 87 -1.44 -33.42 0.03
N LEU B 88 -1.37 -32.14 -0.37
CA LEU B 88 -0.93 -31.06 0.52
C LEU B 88 -1.99 -30.79 1.60
N LEU B 89 -3.30 -30.96 1.28
CA LEU B 89 -4.37 -30.80 2.26
C LEU B 89 -4.26 -31.88 3.34
N MET B 90 -4.06 -33.16 2.93
CA MET B 90 -3.90 -34.28 3.85
C MET B 90 -2.67 -34.11 4.75
N ALA B 91 -1.56 -33.57 4.19
CA ALA B 91 -0.33 -33.32 4.95
C ALA B 91 -0.55 -32.20 5.97
N ALA B 92 -1.22 -31.11 5.57
CA ALA B 92 -1.53 -29.96 6.43
C ALA B 92 -2.41 -30.37 7.62
N ASN B 93 -3.43 -31.20 7.37
CA ASN B 93 -4.33 -31.71 8.40
C ASN B 93 -3.57 -32.61 9.39
N PHE B 94 -2.71 -33.50 8.85
CA PHE B 94 -1.91 -34.41 9.66
C PHE B 94 -0.83 -33.67 10.48
N LEU B 95 -0.28 -32.56 9.94
CA LEU B 95 0.78 -31.79 10.62
C LEU B 95 0.27 -30.59 11.45
N ASP B 96 -1.02 -30.21 11.33
CA ASP B 96 -1.62 -29.11 12.10
C ASP B 96 -0.87 -27.77 11.90
N CYS B 97 -0.92 -27.24 10.67
CA CYS B 97 -0.28 -25.96 10.30
C CYS B 97 -1.14 -25.22 9.29
N PRO C 8 -30.19 -1.98 17.12
CA PRO C 8 -29.14 -2.14 18.12
C PRO C 8 -29.29 -3.37 19.01
N ARG C 9 -28.34 -3.51 19.97
CA ARG C 9 -28.19 -4.50 21.05
C ARG C 9 -27.01 -5.49 20.83
N PRO C 10 -26.61 -5.96 19.62
CA PRO C 10 -25.42 -6.84 19.55
C PRO C 10 -24.13 -6.09 19.91
N VAL C 11 -23.11 -6.78 20.42
CA VAL C 11 -21.86 -6.12 20.82
C VAL C 11 -21.13 -5.52 19.62
N LEU C 12 -21.08 -6.25 18.48
CA LEU C 12 -20.44 -5.75 17.26
C LEU C 12 -21.46 -5.12 16.32
N ARG C 13 -21.53 -3.78 16.35
CA ARG C 13 -22.44 -3.00 15.53
C ARG C 13 -21.92 -1.57 15.34
N SER C 14 -22.36 -0.88 14.29
CA SER C 14 -21.99 0.51 14.07
C SER C 14 -22.78 1.40 15.03
N VAL C 15 -22.17 2.48 15.52
CA VAL C 15 -22.82 3.43 16.41
C VAL C 15 -23.40 4.53 15.51
N ASN C 16 -24.66 4.96 15.71
CA ASN C 16 -25.27 6.04 14.93
C ASN C 16 -24.71 7.36 15.50
N SER C 17 -23.42 7.63 15.21
CA SER C 17 -22.69 8.78 15.74
C SER C 17 -23.07 10.08 15.10
N ARG C 18 -23.31 10.08 13.77
CA ARG C 18 -23.64 11.27 12.98
C ARG C 18 -22.44 12.25 12.97
N GLU C 19 -21.21 11.69 13.01
CA GLU C 19 -19.95 12.44 12.99
C GLU C 19 -19.17 11.95 11.77
N PRO C 20 -19.15 12.69 10.65
CA PRO C 20 -18.45 12.19 9.45
C PRO C 20 -16.96 11.88 9.63
N SER C 21 -16.48 10.86 8.91
CA SER C 21 -15.11 10.43 8.93
C SER C 21 -14.72 9.97 7.52
N GLN C 22 -13.64 10.54 6.96
CA GLN C 22 -13.17 10.28 5.61
C GLN C 22 -12.12 9.18 5.68
N VAL C 23 -12.39 8.05 5.02
CA VAL C 23 -11.51 6.89 5.02
C VAL C 23 -10.98 6.60 3.63
N ILE C 24 -9.77 6.03 3.55
CA ILE C 24 -9.17 5.60 2.29
C ILE C 24 -9.15 4.07 2.36
N PHE C 25 -9.91 3.40 1.47
CA PHE C 25 -9.91 1.93 1.38
C PHE C 25 -8.87 1.58 0.35
N CYS C 26 -7.80 0.88 0.73
CA CYS C 26 -6.75 0.47 -0.20
C CYS C 26 -6.63 -1.04 -0.22
N ASN C 27 -6.93 -1.66 -1.37
CA ASN C 27 -6.84 -3.10 -1.52
C ASN C 27 -5.42 -3.50 -1.93
N ARG C 28 -4.65 -4.02 -0.96
CA ARG C 28 -3.28 -4.50 -1.18
C ARG C 28 -3.21 -6.03 -1.07
N SER C 29 -4.17 -6.71 -1.71
CA SER C 29 -4.25 -8.16 -1.77
C SER C 29 -4.47 -8.56 -3.23
N PRO C 30 -4.26 -9.84 -3.61
CA PRO C 30 -4.53 -10.26 -4.99
C PRO C 30 -6.00 -10.69 -5.21
N ARG C 31 -6.88 -10.48 -4.21
CA ARG C 31 -8.29 -10.85 -4.26
C ARG C 31 -9.16 -9.64 -4.62
N VAL C 32 -10.36 -9.90 -5.16
CA VAL C 32 -11.36 -8.86 -5.42
C VAL C 32 -11.99 -8.69 -4.05
N VAL C 33 -11.85 -7.50 -3.45
CA VAL C 33 -12.32 -7.25 -2.10
C VAL C 33 -13.76 -6.77 -2.03
N LEU C 34 -14.50 -7.26 -1.03
CA LEU C 34 -15.87 -6.85 -0.76
C LEU C 34 -15.87 -6.13 0.58
N PRO C 35 -16.02 -4.79 0.62
CA PRO C 35 -16.16 -4.11 1.91
C PRO C 35 -17.53 -4.46 2.50
N VAL C 36 -17.56 -4.82 3.79
CA VAL C 36 -18.81 -5.16 4.48
C VAL C 36 -19.01 -4.20 5.66
N TRP C 37 -20.14 -3.48 5.69
CA TRP C 37 -20.46 -2.54 6.77
C TRP C 37 -21.49 -3.20 7.70
N LEU C 38 -21.22 -3.25 9.01
CA LEU C 38 -22.19 -3.77 9.98
C LEU C 38 -23.12 -2.61 10.29
N ASN C 39 -24.44 -2.74 10.03
CA ASN C 39 -25.37 -1.64 10.25
C ASN C 39 -25.61 -1.35 11.75
N PHE C 40 -26.61 -0.50 12.08
CA PHE C 40 -26.89 -0.12 13.48
C PHE C 40 -27.46 -1.28 14.31
N ASP C 41 -27.92 -2.37 13.67
CA ASP C 41 -28.42 -3.58 14.32
C ASP C 41 -27.41 -4.75 14.22
N GLY C 42 -26.16 -4.46 13.82
CA GLY C 42 -25.11 -5.46 13.67
C GLY C 42 -25.23 -6.39 12.47
N GLU C 43 -26.13 -6.06 11.50
CA GLU C 43 -26.34 -6.90 10.31
C GLU C 43 -25.35 -6.49 9.20
N PRO C 44 -24.66 -7.43 8.51
CA PRO C 44 -23.71 -7.02 7.46
C PRO C 44 -24.36 -6.52 6.18
N GLN C 45 -23.80 -5.45 5.59
CA GLN C 45 -24.28 -4.81 4.37
C GLN C 45 -23.16 -4.78 3.34
N PRO C 46 -23.37 -5.30 2.11
CA PRO C 46 -22.28 -5.28 1.11
C PRO C 46 -22.16 -3.93 0.43
N TYR C 47 -20.91 -3.52 0.12
CA TYR C 47 -20.61 -2.25 -0.55
C TYR C 47 -19.89 -2.52 -1.86
N PRO C 48 -19.74 -1.53 -2.76
CA PRO C 48 -19.06 -1.80 -4.06
C PRO C 48 -17.68 -2.46 -3.89
N THR C 49 -17.35 -3.43 -4.76
CA THR C 49 -16.09 -4.16 -4.65
C THR C 49 -14.89 -3.33 -5.10
N LEU C 50 -13.69 -3.72 -4.61
CA LEU C 50 -12.42 -3.08 -4.93
C LEU C 50 -11.53 -4.06 -5.69
N PRO C 51 -11.19 -3.84 -6.97
CA PRO C 51 -10.28 -4.78 -7.66
C PRO C 51 -8.87 -4.82 -7.05
N PRO C 52 -8.07 -5.88 -7.28
CA PRO C 52 -6.71 -5.91 -6.71
C PRO C 52 -5.86 -4.68 -7.03
N GLY C 53 -5.24 -4.09 -5.99
CA GLY C 53 -4.42 -2.90 -6.14
C GLY C 53 -5.14 -1.56 -6.19
N THR C 54 -6.50 -1.58 -6.17
CA THR C 54 -7.30 -0.35 -6.25
C THR C 54 -7.47 0.30 -4.88
N GLY C 55 -7.50 1.62 -4.89
CA GLY C 55 -7.70 2.45 -3.71
C GLY C 55 -8.77 3.48 -3.98
N ARG C 56 -9.65 3.73 -3.00
CA ARG C 56 -10.74 4.70 -3.14
C ARG C 56 -10.93 5.51 -1.86
N ARG C 57 -11.25 6.81 -1.99
CA ARG C 57 -11.55 7.66 -0.85
C ARG C 57 -13.04 7.51 -0.64
N ILE C 58 -13.44 6.95 0.50
CA ILE C 58 -14.85 6.72 0.82
C ILE C 58 -15.24 7.56 2.03
N HIS C 59 -16.55 7.77 2.22
CA HIS C 59 -17.06 8.56 3.32
C HIS C 59 -17.85 7.68 4.28
N SER C 60 -17.40 7.66 5.54
CA SER C 60 -17.99 6.87 6.61
C SER C 60 -18.21 7.80 7.83
N TYR C 61 -18.42 7.25 9.02
CA TYR C 61 -18.66 8.04 10.23
C TYR C 61 -17.93 7.39 11.39
N ARG C 62 -17.73 8.15 12.48
CA ARG C 62 -17.02 7.64 13.66
C ARG C 62 -17.82 6.51 14.31
N GLY C 63 -17.11 5.48 14.78
CA GLY C 63 -17.74 4.35 15.44
C GLY C 63 -18.44 3.36 14.53
N HIS C 64 -18.19 3.43 13.22
CA HIS C 64 -18.81 2.53 12.24
C HIS C 64 -17.90 1.31 12.01
N LEU C 65 -18.44 0.08 12.18
CA LEU C 65 -17.66 -1.16 12.04
C LEU C 65 -17.59 -1.65 10.61
N TRP C 66 -16.39 -2.04 10.19
CA TRP C 66 -16.15 -2.58 8.85
C TRP C 66 -15.32 -3.85 8.92
N LEU C 67 -15.52 -4.72 7.93
CA LEU C 67 -14.76 -5.94 7.72
C LEU C 67 -14.67 -6.15 6.22
N PHE C 68 -13.64 -6.84 5.76
CA PHE C 68 -13.36 -7.02 4.33
C PHE C 68 -13.23 -8.51 4.01
N ARG C 69 -13.85 -8.95 2.90
CA ARG C 69 -13.87 -10.35 2.48
C ARG C 69 -13.51 -10.46 1.00
N ASP C 70 -13.26 -11.70 0.52
CA ASP C 70 -13.05 -11.96 -0.91
C ASP C 70 -14.47 -11.89 -1.48
N ALA C 71 -14.70 -11.09 -2.53
CA ALA C 71 -16.05 -10.94 -3.08
C ALA C 71 -16.67 -12.25 -3.60
N GLY C 72 -15.85 -13.10 -4.21
CA GLY C 72 -16.31 -14.37 -4.76
C GLY C 72 -16.37 -15.52 -3.78
N THR C 73 -15.29 -15.70 -3.00
CA THR C 73 -15.12 -16.82 -2.06
C THR C 73 -15.60 -16.56 -0.63
N HIS C 74 -15.70 -15.29 -0.20
CA HIS C 74 -16.09 -14.90 1.15
C HIS C 74 -15.00 -15.24 2.21
N ASP C 75 -13.73 -15.42 1.78
CA ASP C 75 -12.60 -15.65 2.70
C ASP C 75 -12.33 -14.34 3.45
N GLY C 76 -12.03 -14.44 4.74
CA GLY C 76 -11.76 -13.27 5.57
C GLY C 76 -10.43 -12.62 5.25
N LEU C 77 -10.38 -11.29 5.31
CA LEU C 77 -9.16 -10.51 5.05
C LEU C 77 -8.86 -9.62 6.24
N LEU C 78 -7.63 -9.09 6.30
CA LEU C 78 -7.20 -8.18 7.37
C LEU C 78 -7.24 -6.75 6.89
N VAL C 79 -7.49 -5.83 7.83
CA VAL C 79 -7.49 -4.39 7.58
C VAL C 79 -6.63 -3.82 8.70
N ASN C 80 -5.46 -3.26 8.34
CA ASN C 80 -4.46 -2.76 9.28
C ASN C 80 -4.02 -3.86 10.25
N GLN C 81 -3.69 -5.04 9.70
CA GLN C 81 -3.21 -6.22 10.42
C GLN C 81 -4.22 -6.78 11.45
N THR C 82 -5.53 -6.56 11.24
CA THR C 82 -6.55 -7.06 12.16
C THR C 82 -7.88 -7.29 11.45
N GLU C 83 -8.79 -8.01 12.13
CA GLU C 83 -10.11 -8.41 11.61
C GLU C 83 -11.04 -7.24 11.27
N LEU C 84 -11.24 -6.31 12.22
CA LEU C 84 -12.19 -5.22 12.09
C LEU C 84 -11.54 -3.85 11.95
N PHE C 85 -12.29 -2.89 11.37
CA PHE C 85 -11.85 -1.51 11.20
C PHE C 85 -12.96 -0.55 11.64
N VAL C 86 -12.61 0.37 12.55
CA VAL C 86 -13.50 1.41 13.06
C VAL C 86 -12.78 2.73 12.84
N PRO C 87 -13.29 3.67 12.03
CA PRO C 87 -12.57 4.94 11.86
C PRO C 87 -12.73 5.84 13.08
N SER C 88 -11.66 6.56 13.42
CA SER C 88 -11.65 7.53 14.51
C SER C 88 -12.07 8.90 13.94
N LEU C 89 -11.73 9.99 14.65
CA LEU C 89 -12.02 11.37 14.22
C LEU C 89 -10.92 11.89 13.30
N ASN C 90 -11.30 12.69 12.27
CA ASN C 90 -10.34 13.30 11.35
C ASN C 90 -9.59 14.37 12.14
N VAL C 91 -8.29 14.16 12.40
CA VAL C 91 -7.50 15.15 13.12
C VAL C 91 -7.08 16.19 12.09
N ASP C 92 -7.65 17.41 12.16
CA ASP C 92 -7.35 18.51 11.23
C ASP C 92 -7.68 18.15 9.75
N GLY C 93 -8.83 17.52 9.54
CA GLY C 93 -9.30 17.12 8.22
C GLY C 93 -8.45 16.08 7.48
N GLN C 94 -7.59 15.33 8.22
CA GLN C 94 -6.72 14.32 7.60
C GLN C 94 -7.53 13.02 7.37
N PRO C 95 -7.41 12.34 6.21
CA PRO C 95 -8.15 11.08 6.02
C PRO C 95 -7.54 9.93 6.80
N ILE C 96 -8.37 8.96 7.22
CA ILE C 96 -7.92 7.78 7.95
C ILE C 96 -7.70 6.68 6.90
N PHE C 97 -6.59 5.93 7.01
CA PHE C 97 -6.24 4.90 6.03
C PHE C 97 -6.58 3.46 6.47
N ALA C 98 -7.36 2.75 5.63
CA ALA C 98 -7.71 1.34 5.84
C ALA C 98 -6.94 0.51 4.78
N ASN C 99 -5.89 -0.21 5.21
CA ASN C 99 -5.02 -1.00 4.35
C ASN C 99 -5.48 -2.46 4.37
N ILE C 100 -6.19 -2.89 3.32
CA ILE C 100 -6.75 -4.23 3.23
C ILE C 100 -5.69 -5.16 2.67
N THR C 101 -5.27 -6.16 3.46
CA THR C 101 -4.25 -7.11 3.06
C THR C 101 -4.76 -8.51 3.26
N LEU C 102 -4.00 -9.45 2.73
CA LEU C 102 -4.27 -10.87 2.81
C LEU C 102 -3.73 -11.39 4.15
N PRO C 103 -4.46 -12.19 4.95
CA PRO C 103 -3.88 -12.75 6.18
C PRO C 103 -2.93 -13.89 5.87
N VAL C 104 -2.12 -14.31 6.85
CA VAL C 104 -1.28 -15.48 6.69
C VAL C 104 -2.20 -16.65 7.06
N TYR C 105 -2.87 -17.24 6.07
CA TYR C 105 -3.78 -18.35 6.32
C TYR C 105 -3.01 -19.58 6.76
N THR C 106 -3.68 -20.49 7.48
CA THR C 106 -3.06 -21.75 7.88
C THR C 106 -2.94 -22.57 6.60
N LEU C 107 -1.89 -23.40 6.48
CA LEU C 107 -1.73 -24.24 5.30
C LEU C 107 -2.98 -25.10 5.06
N LYS C 108 -3.61 -25.62 6.16
CA LYS C 108 -4.84 -26.42 6.06
C LYS C 108 -5.97 -25.58 5.45
N GLU C 109 -6.16 -24.33 5.92
CA GLU C 109 -7.21 -23.44 5.42
C GLU C 109 -6.93 -22.98 3.98
N ARG C 110 -5.65 -22.71 3.64
CA ARG C 110 -5.28 -22.30 2.28
C ARG C 110 -5.45 -23.48 1.29
N CYS C 111 -5.12 -24.72 1.72
CA CYS C 111 -5.35 -25.93 0.89
C CYS C 111 -6.85 -26.07 0.62
N LEU C 112 -7.65 -25.89 1.68
CA LEU C 112 -9.13 -25.93 1.63
C LEU C 112 -9.69 -24.97 0.56
N GLN C 113 -9.17 -23.73 0.49
CA GLN C 113 -9.60 -22.71 -0.49
C GLN C 113 -9.35 -23.12 -1.93
N VAL C 114 -8.14 -23.60 -2.22
CA VAL C 114 -7.73 -23.99 -3.57
C VAL C 114 -8.55 -25.17 -4.08
N VAL C 115 -8.80 -26.18 -3.25
CA VAL C 115 -9.63 -27.32 -3.65
C VAL C 115 -11.11 -26.89 -3.82
N ARG C 116 -11.60 -25.88 -3.03
CA ARG C 116 -12.97 -25.34 -3.17
C ARG C 116 -13.13 -24.62 -4.52
N SER C 117 -12.08 -23.94 -5.00
CA SER C 117 -12.10 -23.21 -6.27
C SER C 117 -12.03 -24.13 -7.51
N LEU C 118 -11.50 -25.36 -7.34
CA LEU C 118 -11.34 -26.33 -8.44
C LEU C 118 -12.48 -27.36 -8.51
N VAL C 119 -13.06 -27.73 -7.34
CA VAL C 119 -14.14 -28.72 -7.21
C VAL C 119 -15.49 -28.05 -6.91
N LYS C 120 -16.60 -28.65 -7.39
CA LYS C 120 -17.95 -28.15 -7.12
C LYS C 120 -18.44 -28.65 -5.74
N PRO C 121 -19.32 -27.91 -5.02
CA PRO C 121 -19.78 -28.37 -3.68
C PRO C 121 -20.42 -29.76 -3.64
N GLU C 122 -21.10 -30.18 -4.73
CA GLU C 122 -21.71 -31.51 -4.82
C GLU C 122 -20.67 -32.64 -4.86
N ASN C 123 -19.44 -32.37 -5.38
CA ASN C 123 -18.37 -33.37 -5.50
C ASN C 123 -17.30 -33.29 -4.39
N TYR C 124 -17.62 -32.73 -3.20
CA TYR C 124 -16.69 -32.69 -2.07
C TYR C 124 -16.57 -34.08 -1.43
N ARG C 125 -17.66 -34.88 -1.46
CA ARG C 125 -17.68 -36.24 -0.90
C ARG C 125 -17.02 -37.27 -1.84
N ARG C 126 -16.86 -36.94 -3.15
CA ARG C 126 -16.23 -37.84 -4.14
C ARG C 126 -14.70 -37.99 -3.95
N LEU C 127 -14.02 -37.06 -3.23
CA LEU C 127 -12.56 -37.10 -3.04
C LEU C 127 -12.08 -38.29 -2.20
N ASP C 128 -10.76 -38.59 -2.29
CA ASP C 128 -10.12 -39.69 -1.57
C ASP C 128 -9.64 -39.25 -0.16
N ILE C 129 -9.96 -38.02 0.30
CA ILE C 129 -9.59 -37.51 1.64
C ILE C 129 -10.39 -38.18 2.78
N VAL C 130 -9.92 -38.05 4.05
CA VAL C 130 -10.60 -38.67 5.21
C VAL C 130 -11.96 -38.00 5.52
N ARG C 131 -12.76 -38.65 6.39
CA ARG C 131 -14.09 -38.18 6.81
C ARG C 131 -14.04 -36.76 7.39
N SER C 132 -13.05 -36.51 8.27
CA SER C 132 -12.86 -35.21 8.94
C SER C 132 -12.74 -34.04 7.97
N LEU C 133 -12.06 -34.24 6.82
CA LEU C 133 -11.86 -33.19 5.84
C LEU C 133 -13.10 -32.86 4.99
N TYR C 134 -14.12 -33.76 4.92
CA TYR C 134 -15.34 -33.44 4.16
C TYR C 134 -16.11 -32.32 4.87
N GLU C 135 -16.28 -32.44 6.21
CA GLU C 135 -16.97 -31.42 7.02
C GLU C 135 -16.20 -30.10 7.02
N ASP C 136 -14.85 -30.15 7.05
CA ASP C 136 -14.00 -28.95 7.00
C ASP C 136 -14.17 -28.24 5.65
N LEU C 137 -14.27 -29.01 4.56
CA LEU C 137 -14.45 -28.48 3.21
C LEU C 137 -15.86 -27.90 3.01
N GLU C 138 -16.89 -28.51 3.63
CA GLU C 138 -18.27 -28.01 3.57
C GLU C 138 -18.48 -26.76 4.46
N ASP C 139 -17.59 -26.54 5.44
CA ASP C 139 -17.64 -25.38 6.34
C ASP C 139 -17.05 -24.16 5.61
N HIS C 140 -17.83 -23.59 4.67
CA HIS C 140 -17.40 -22.44 3.87
C HIS C 140 -17.24 -21.19 4.75
N PRO C 141 -16.26 -20.31 4.47
CA PRO C 141 -16.12 -19.09 5.29
C PRO C 141 -17.25 -18.10 5.04
N ASN C 142 -17.75 -17.48 6.11
CA ASN C 142 -18.83 -16.49 6.01
C ASN C 142 -18.67 -15.44 7.09
N VAL C 143 -19.29 -14.27 6.86
CA VAL C 143 -19.22 -13.13 7.76
C VAL C 143 -19.88 -13.47 9.10
N GLN C 144 -21.06 -14.12 9.06
CA GLN C 144 -21.84 -14.45 10.25
C GLN C 144 -21.10 -15.33 11.26
N LYS C 145 -20.33 -16.36 10.82
CA LYS C 145 -19.62 -17.23 11.76
C LYS C 145 -18.42 -16.52 12.40
N ASP C 146 -17.70 -15.69 11.61
CA ASP C 146 -16.57 -14.91 12.12
C ASP C 146 -17.09 -13.84 13.06
N LEU C 147 -18.32 -13.32 12.84
CA LEU C 147 -18.92 -12.37 13.79
C LEU C 147 -19.20 -13.10 15.09
N GLU C 148 -19.86 -14.29 15.04
CA GLU C 148 -20.15 -15.10 16.25
C GLU C 148 -18.87 -15.37 17.06
N ARG C 149 -17.75 -15.63 16.37
CA ARG C 149 -16.44 -15.86 16.97
C ARG C 149 -15.87 -14.58 17.59
N LEU C 150 -16.04 -13.42 16.90
CA LEU C 150 -15.55 -12.13 17.40
C LEU C 150 -16.42 -11.59 18.54
N THR C 151 -17.78 -11.61 18.41
CA THR C 151 -18.70 -11.17 19.49
C THR C 151 -18.36 -11.95 20.76
N GLN C 152 -18.11 -13.27 20.63
CA GLN C 152 -17.72 -14.13 21.76
C GLN C 152 -16.37 -13.69 22.33
N GLU C 153 -15.36 -13.56 21.47
CA GLU C 153 -13.99 -13.19 21.87
C GLU C 153 -13.91 -11.86 22.66
N ILE C 155 -14.53 -10.76 22.17
CA ILE C 155 -14.45 -9.47 22.89
C ILE C 155 -15.40 -9.48 24.12
N ALA C 156 -16.51 -10.27 24.09
CA ALA C 156 -17.41 -10.40 25.26
C ALA C 156 -16.72 -11.25 26.34
N HIS C 157 -15.95 -12.28 25.92
CA HIS C 157 -15.18 -13.15 26.83
C HIS C 157 -14.06 -12.30 27.47
N GLN C 158 -13.46 -11.36 26.71
CA GLN C 158 -12.43 -10.46 27.22
C GLN C 158 -13.11 -9.36 28.06
N MET D 1 -9.53 -0.91 -16.66
CA MET D 1 -8.16 -0.38 -16.61
C MET D 1 -7.95 0.64 -17.73
N ASP D 2 -7.47 1.85 -17.41
CA ASP D 2 -7.20 2.87 -18.42
C ASP D 2 -5.84 2.70 -19.10
N VAL D 3 -5.80 3.05 -20.40
CA VAL D 3 -4.61 3.00 -21.25
C VAL D 3 -4.41 4.43 -21.79
N PHE D 4 -3.18 4.95 -21.73
CA PHE D 4 -2.84 6.32 -22.14
C PHE D 4 -2.04 6.29 -23.43
N LEU D 5 -2.58 6.91 -24.49
CA LEU D 5 -2.01 6.83 -25.83
C LEU D 5 -1.57 8.16 -26.43
N MET D 6 -0.84 8.04 -27.55
CA MET D 6 -0.37 9.14 -28.40
C MET D 6 -0.74 8.75 -29.84
N ILE D 7 -1.84 9.29 -30.39
CA ILE D 7 -2.24 8.95 -31.76
C ILE D 7 -1.47 9.92 -32.66
N ARG D 8 -0.56 9.40 -33.51
CA ARG D 8 0.32 10.22 -34.33
C ARG D 8 0.19 10.05 -35.85
N ARG D 9 0.18 11.17 -36.57
CA ARG D 9 0.15 11.23 -38.04
C ARG D 9 0.92 12.46 -38.49
N HIS D 10 1.94 12.30 -39.34
CA HIS D 10 2.75 13.42 -39.86
C HIS D 10 3.29 14.25 -38.68
N LYS D 11 2.89 15.54 -38.53
CA LYS D 11 3.32 16.39 -37.40
C LYS D 11 2.12 16.66 -36.46
N THR D 12 1.13 15.72 -36.38
CA THR D 12 -0.04 15.84 -35.51
C THR D 12 0.01 14.70 -34.48
N THR D 13 -0.09 15.03 -33.17
CA THR D 13 -0.08 14.06 -32.07
C THR D 13 -1.28 14.32 -31.15
N ILE D 14 -2.21 13.36 -31.03
CA ILE D 14 -3.37 13.49 -30.13
C ILE D 14 -3.04 12.73 -28.85
N PHE D 15 -3.21 13.38 -27.70
CA PHE D 15 -3.04 12.75 -26.40
C PHE D 15 -4.44 12.38 -25.92
N THR D 16 -4.69 11.09 -25.69
CA THR D 16 -5.98 10.63 -25.20
C THR D 16 -5.85 9.36 -24.38
N ASP D 17 -6.90 9.08 -23.61
CA ASP D 17 -6.98 7.87 -22.79
C ASP D 17 -8.17 7.06 -23.27
N ALA D 18 -8.11 5.75 -23.05
CA ALA D 18 -9.17 4.83 -23.41
C ALA D 18 -9.11 3.64 -22.47
N LYS D 19 -10.15 2.83 -22.42
CA LYS D 19 -10.17 1.65 -21.55
C LYS D 19 -9.44 0.53 -22.26
N GLU D 20 -8.90 -0.42 -21.50
CA GLU D 20 -8.19 -1.58 -22.08
C GLU D 20 -9.19 -2.49 -22.85
N SER D 21 -10.47 -2.54 -22.40
CA SER D 21 -11.53 -3.32 -23.07
C SER D 21 -12.16 -2.59 -24.27
N SER D 22 -11.80 -1.30 -24.50
CA SER D 22 -12.31 -0.51 -25.63
C SER D 22 -11.73 -1.06 -26.93
N THR D 23 -12.49 -0.98 -28.05
CA THR D 23 -12.04 -1.48 -29.34
C THR D 23 -11.28 -0.44 -30.15
N VAL D 24 -10.65 -0.91 -31.23
CA VAL D 24 -9.91 -0.08 -32.17
C VAL D 24 -10.92 0.81 -32.93
N PHE D 25 -12.13 0.29 -33.20
CA PHE D 25 -13.19 1.05 -33.87
C PHE D 25 -13.66 2.22 -32.98
N GLU D 26 -13.82 1.97 -31.66
CA GLU D 26 -14.20 3.02 -30.70
C GLU D 26 -13.11 4.10 -30.60
N LEU D 27 -11.83 3.72 -30.81
CA LEU D 27 -10.71 4.68 -30.83
C LEU D 27 -10.76 5.49 -32.13
N LYS D 28 -11.20 4.89 -33.25
CA LYS D 28 -11.37 5.62 -34.51
C LYS D 28 -12.51 6.66 -34.40
N ARG D 29 -13.54 6.40 -33.56
CA ARG D 29 -14.63 7.36 -33.31
C ARG D 29 -14.12 8.55 -32.49
N ILE D 30 -13.14 8.33 -31.60
CA ILE D 30 -12.52 9.41 -30.81
C ILE D 30 -11.70 10.31 -31.76
N VAL D 31 -11.02 9.73 -32.77
CA VAL D 31 -10.25 10.48 -33.77
C VAL D 31 -11.23 11.26 -34.68
N GLU D 32 -12.41 10.68 -34.98
CA GLU D 32 -13.44 11.36 -35.79
C GLU D 32 -13.93 12.63 -35.08
N GLY D 33 -14.14 12.56 -33.77
CA GLY D 33 -14.59 13.72 -33.00
C GLY D 33 -13.57 14.85 -32.96
N ILE D 34 -12.28 14.51 -33.03
CA ILE D 34 -11.17 15.48 -32.97
C ILE D 34 -10.77 15.99 -34.37
N LEU D 35 -10.36 15.08 -35.28
CA LEU D 35 -9.88 15.46 -36.62
C LEU D 35 -10.94 15.37 -37.73
N LYS D 36 -12.18 15.01 -37.41
CA LYS D 36 -13.32 15.02 -38.34
C LYS D 36 -13.10 14.18 -39.62
N ARG D 37 -12.50 12.98 -39.47
CA ARG D 37 -12.35 11.98 -40.53
C ARG D 37 -13.12 10.75 -40.04
N PRO D 38 -14.07 10.18 -40.79
CA PRO D 38 -14.81 9.01 -40.28
C PRO D 38 -13.93 7.76 -40.13
N PRO D 39 -14.35 6.75 -39.31
CA PRO D 39 -13.53 5.53 -39.18
C PRO D 39 -13.17 4.81 -40.48
N ASP D 40 -14.04 4.84 -41.50
CA ASP D 40 -13.75 4.17 -42.79
C ASP D 40 -12.63 4.89 -43.58
N GLU D 41 -12.29 6.14 -43.20
CA GLU D 41 -11.19 6.90 -43.80
C GLU D 41 -9.95 6.87 -42.89
N GLN D 42 -9.80 5.82 -42.05
CA GLN D 42 -8.68 5.69 -41.12
C GLN D 42 -8.06 4.30 -41.08
N ARG D 43 -6.78 4.25 -40.71
CA ARG D 43 -6.01 3.04 -40.48
C ARG D 43 -5.14 3.29 -39.25
N LEU D 44 -5.27 2.45 -38.20
CA LEU D 44 -4.48 2.60 -36.98
C LEU D 44 -3.46 1.47 -36.89
N TYR D 45 -2.25 1.78 -36.39
CA TYR D 45 -1.14 0.82 -36.30
C TYR D 45 -0.45 0.83 -34.95
N LYS D 46 0.16 -0.30 -34.58
CA LYS D 46 1.03 -0.44 -33.41
C LYS D 46 2.34 -0.86 -34.07
N ASP D 47 3.30 0.08 -34.17
CA ASP D 47 4.56 -0.07 -34.90
C ASP D 47 4.20 -0.12 -36.41
N ASP D 48 4.43 -1.24 -37.13
CA ASP D 48 4.08 -1.35 -38.55
C ASP D 48 2.89 -2.29 -38.79
N GLN D 49 2.27 -2.84 -37.72
CA GLN D 49 1.18 -3.81 -37.86
C GLN D 49 -0.20 -3.14 -37.73
N LEU D 50 -1.05 -3.33 -38.76
CA LEU D 50 -2.39 -2.73 -38.83
C LEU D 50 -3.30 -3.33 -37.76
N LEU D 51 -4.08 -2.48 -37.08
CA LEU D 51 -4.98 -2.89 -36.01
C LEU D 51 -6.39 -3.16 -36.52
N ASP D 52 -6.98 -4.30 -36.11
CA ASP D 52 -8.33 -4.71 -36.51
C ASP D 52 -9.38 -3.91 -35.76
N ASP D 53 -10.46 -3.48 -36.44
CA ASP D 53 -11.57 -2.72 -35.82
C ASP D 53 -12.24 -3.44 -34.63
N GLY D 54 -12.41 -4.75 -34.73
CA GLY D 54 -13.05 -5.56 -33.69
C GLY D 54 -12.19 -5.87 -32.47
N LYS D 55 -10.86 -5.88 -32.61
CA LYS D 55 -9.95 -6.19 -31.49
C LYS D 55 -9.95 -5.09 -30.44
N THR D 56 -9.76 -5.47 -29.16
CA THR D 56 -9.71 -4.50 -28.05
C THR D 56 -8.29 -3.92 -27.96
N LEU D 57 -8.12 -2.83 -27.20
CA LEU D 57 -6.80 -2.20 -26.99
C LEU D 57 -5.83 -3.16 -26.28
N GLY D 58 -6.35 -3.96 -25.33
CA GLY D 58 -5.57 -4.97 -24.63
C GLY D 58 -5.12 -6.10 -25.54
N GLU D 59 -6.00 -6.53 -26.49
CA GLU D 59 -5.68 -7.57 -27.48
C GLU D 59 -4.62 -7.09 -28.48
N CYS D 60 -4.58 -5.77 -28.77
CA CYS D 60 -3.57 -5.18 -29.66
C CYS D 60 -2.21 -5.09 -28.99
N GLY D 61 -2.17 -5.08 -27.65
CA GLY D 61 -0.95 -5.02 -26.86
C GLY D 61 -0.82 -3.80 -25.97
N PHE D 62 -1.80 -2.87 -26.00
CA PHE D 62 -1.76 -1.67 -25.17
C PHE D 62 -2.34 -2.01 -23.80
N THR D 63 -1.48 -2.15 -22.78
CA THR D 63 -1.88 -2.45 -21.39
C THR D 63 -1.45 -1.31 -20.47
N SER D 64 -1.83 -1.38 -19.18
CA SER D 64 -1.48 -0.35 -18.20
C SER D 64 0.02 -0.27 -17.89
N GLN D 65 0.78 -1.39 -18.04
CA GLN D 65 2.24 -1.35 -17.81
C GLN D 65 2.98 -0.83 -19.05
N THR D 66 2.38 -0.95 -20.25
CA THR D 66 2.99 -0.54 -21.52
C THR D 66 2.51 0.86 -21.98
N ALA D 67 1.37 1.38 -21.48
CA ALA D 67 0.80 2.65 -21.92
C ALA D 67 0.35 3.47 -20.72
N ARG D 68 1.34 4.03 -20.01
CA ARG D 68 1.16 4.82 -18.78
C ARG D 68 0.96 6.32 -19.05
N PRO D 69 0.31 7.09 -18.13
CA PRO D 69 0.15 8.54 -18.38
C PRO D 69 1.46 9.28 -18.67
N GLN D 70 2.49 8.98 -17.87
CA GLN D 70 3.83 9.57 -17.98
C GLN D 70 4.71 9.00 -19.11
N ALA D 71 4.32 7.85 -19.72
CA ALA D 71 5.03 7.18 -20.81
C ALA D 71 4.00 6.44 -21.70
N PRO D 72 3.20 7.21 -22.47
CA PRO D 72 2.13 6.59 -23.26
C PRO D 72 2.60 5.85 -24.52
N ALA D 73 1.79 4.88 -24.97
CA ALA D 73 2.10 4.09 -26.17
C ALA D 73 1.72 4.88 -27.42
N THR D 74 2.51 4.73 -28.50
CA THR D 74 2.24 5.42 -29.76
C THR D 74 1.33 4.58 -30.63
N VAL D 75 0.32 5.22 -31.23
CA VAL D 75 -0.61 4.60 -32.16
C VAL D 75 -0.41 5.32 -33.49
N GLY D 76 0.05 4.60 -34.50
CA GLY D 76 0.24 5.16 -35.83
C GLY D 76 -1.09 5.38 -36.51
N LEU D 77 -1.26 6.49 -37.23
CA LEU D 77 -2.50 6.82 -37.91
C LEU D 77 -2.22 7.24 -39.36
N ALA D 78 -3.01 6.71 -40.31
CA ALA D 78 -2.92 7.03 -41.73
C ALA D 78 -4.34 7.26 -42.27
N PHE D 79 -4.57 8.38 -42.97
CA PHE D 79 -5.89 8.73 -43.52
C PHE D 79 -6.08 8.36 -44.98
N ARG D 80 -7.35 8.19 -45.39
CA ARG D 80 -7.69 7.89 -46.78
C ARG D 80 -7.59 9.17 -47.60
N ALA D 81 -7.08 9.05 -48.81
CA ALA D 81 -6.78 10.18 -49.68
C ALA D 81 -7.19 9.88 -51.12
N ASP D 82 -8.23 10.59 -51.63
CA ASP D 82 -8.75 10.41 -52.99
C ASP D 82 -9.03 8.91 -53.26
N ASP D 83 -9.65 8.24 -52.26
CA ASP D 83 -9.95 6.80 -52.22
C ASP D 83 -8.75 5.92 -51.85
N THR D 84 -7.50 6.38 -52.10
CA THR D 84 -6.27 5.65 -51.80
C THR D 84 -5.79 5.97 -50.39
N PHE D 85 -5.46 4.94 -49.60
CA PHE D 85 -4.89 5.16 -48.27
C PHE D 85 -3.42 5.54 -48.41
N GLU D 86 -3.00 6.60 -47.70
CA GLU D 86 -1.61 7.07 -47.71
C GLU D 86 -0.74 6.12 -46.89
N ALA D 87 0.58 6.20 -47.09
CA ALA D 87 1.54 5.38 -46.35
C ALA D 87 1.67 5.94 -44.93
N LEU D 88 1.87 5.06 -43.93
CA LEU D 88 2.05 5.50 -42.54
C LEU D 88 3.33 6.31 -42.43
N CYS D 89 3.21 7.60 -42.07
CA CYS D 89 4.34 8.50 -41.89
C CYS D 89 4.17 9.25 -40.58
N ILE D 90 5.09 9.05 -39.63
CA ILE D 90 5.09 9.73 -38.34
C ILE D 90 6.38 10.56 -38.35
N GLU D 91 6.26 11.89 -38.41
CA GLU D 91 7.42 12.78 -38.44
C GLU D 91 8.07 12.74 -37.05
N PRO D 92 9.34 12.34 -36.91
CA PRO D 92 9.93 12.25 -35.56
C PRO D 92 10.12 13.60 -34.88
N PHE D 93 10.16 13.58 -33.54
CA PHE D 93 10.39 14.80 -32.76
C PHE D 93 11.86 15.21 -32.93
N SER D 94 12.21 16.43 -32.53
CA SER D 94 13.57 16.92 -32.69
C SER D 94 14.47 16.29 -31.62
N SER D 95 15.76 16.18 -31.91
CA SER D 95 16.71 15.56 -30.98
C SER D 95 17.17 16.51 -29.89
N PRO D 96 17.42 16.02 -28.65
CA PRO D 96 17.95 16.90 -27.60
C PRO D 96 19.42 17.21 -27.87
N PRO D 97 19.99 18.31 -27.31
CA PRO D 97 21.41 18.59 -27.55
C PRO D 97 22.35 17.62 -26.83
N GLU D 98 23.67 17.79 -27.04
CA GLU D 98 24.68 16.95 -26.40
C GLU D 98 24.64 17.18 -24.90
N LEU D 99 24.79 16.11 -24.10
CA LEU D 99 24.76 16.22 -22.64
C LEU D 99 25.99 17.03 -22.19
N PRO D 100 25.84 18.19 -21.49
CA PRO D 100 27.03 18.98 -21.11
C PRO D 100 28.04 18.27 -20.21
N ASP D 101 29.26 18.83 -20.15
CA ASP D 101 30.36 18.29 -19.34
C ASP D 101 30.04 18.32 -17.84
N VAL D 102 29.24 19.31 -17.38
CA VAL D 102 28.83 19.41 -15.98
C VAL D 102 27.94 18.20 -15.57
N MET D 103 27.14 17.66 -16.51
CA MET D 103 26.29 16.49 -16.28
C MET D 103 27.01 15.18 -16.63
N LYS D 104 27.80 15.18 -17.73
CA LYS D 104 28.52 14.00 -18.20
C LYS D 104 29.72 13.69 -17.30
N MET E 1 -14.68 16.13 -24.94
CA MET E 1 -14.58 16.87 -23.68
C MET E 1 -13.62 18.07 -23.81
N MET E 2 -13.81 18.84 -24.90
CA MET E 2 -13.08 20.05 -25.29
C MET E 2 -11.56 19.83 -25.45
N TYR E 3 -11.01 20.13 -26.64
CA TYR E 3 -9.59 19.98 -26.95
C TYR E 3 -8.95 21.30 -27.35
N VAL E 4 -7.60 21.36 -27.26
CA VAL E 4 -6.80 22.53 -27.62
C VAL E 4 -5.52 22.09 -28.34
N LYS E 5 -5.07 22.87 -29.33
CA LYS E 5 -3.87 22.58 -30.13
C LYS E 5 -2.68 23.36 -29.60
N LEU E 6 -1.56 22.67 -29.34
CA LEU E 6 -0.33 23.28 -28.85
C LEU E 6 0.74 23.03 -29.91
N ILE E 7 1.26 24.09 -30.57
CA ILE E 7 2.25 23.97 -31.64
C ILE E 7 3.66 24.30 -31.12
N SER E 8 4.65 23.43 -31.43
CA SER E 8 6.05 23.60 -31.02
C SER E 8 6.79 24.50 -32.01
N SER E 9 8.07 24.82 -31.70
CA SER E 9 8.91 25.66 -32.56
C SER E 9 9.17 25.02 -33.94
N ASP E 10 9.29 23.68 -33.99
CA ASP E 10 9.54 22.94 -35.24
C ASP E 10 8.24 22.45 -35.95
N GLY E 11 7.08 22.97 -35.56
CA GLY E 11 5.81 22.69 -36.22
C GLY E 11 4.98 21.48 -35.80
N HIS E 12 5.38 20.73 -34.74
CA HIS E 12 4.57 19.59 -34.29
C HIS E 12 3.36 20.11 -33.54
N GLU E 13 2.16 19.62 -33.90
CA GLU E 13 0.89 20.02 -33.28
C GLU E 13 0.50 18.95 -32.26
N PHE E 14 0.25 19.34 -31.01
CA PHE E 14 -0.13 18.42 -29.94
C PHE E 14 -1.55 18.74 -29.50
N ILE E 15 -2.51 17.84 -29.79
CA ILE E 15 -3.90 18.03 -29.43
C ILE E 15 -4.13 17.37 -28.06
N VAL E 16 -4.33 18.19 -27.01
CA VAL E 16 -4.57 17.74 -25.63
C VAL E 16 -5.93 18.27 -25.16
N LYS E 17 -6.48 17.68 -24.09
CA LYS E 17 -7.76 18.14 -23.54
C LYS E 17 -7.59 19.54 -22.96
N ARG E 18 -8.65 20.36 -23.00
CA ARG E 18 -8.59 21.73 -22.47
C ARG E 18 -8.31 21.70 -20.96
N GLU E 19 -8.99 20.82 -20.21
CA GLU E 19 -8.77 20.67 -18.76
C GLU E 19 -7.34 20.16 -18.42
N HIS E 20 -6.69 19.43 -19.35
CA HIS E 20 -5.30 18.99 -19.17
C HIS E 20 -4.34 20.14 -19.40
N ALA E 21 -4.46 20.87 -20.53
CA ALA E 21 -3.61 22.02 -20.85
C ALA E 21 -3.77 23.16 -19.82
N LEU E 22 -4.96 23.26 -19.20
CA LEU E 22 -5.29 24.23 -18.13
C LEU E 22 -4.33 24.11 -16.91
N THR E 23 -3.62 22.95 -16.75
CA THR E 23 -2.62 22.71 -15.70
C THR E 23 -1.56 23.84 -15.65
N SER E 24 -1.15 24.34 -16.82
CA SER E 24 -0.15 25.41 -16.93
C SER E 24 -0.81 26.79 -16.77
N GLY E 25 -0.19 27.62 -15.92
CA GLY E 25 -0.66 28.99 -15.65
C GLY E 25 -0.54 29.92 -16.84
N THR E 26 0.53 29.77 -17.64
CA THR E 26 0.75 30.59 -18.83
C THR E 26 -0.30 30.27 -19.91
N ILE E 27 -0.65 28.97 -20.08
CA ILE E 27 -1.68 28.57 -21.05
C ILE E 27 -3.05 29.13 -20.61
N LYS E 28 -3.36 29.14 -19.29
CA LYS E 28 -4.63 29.69 -18.80
C LYS E 28 -4.77 31.19 -19.13
N ALA E 29 -3.66 31.96 -19.09
CA ALA E 29 -3.69 33.39 -19.43
C ALA E 29 -3.93 33.60 -20.92
N MET E 30 -3.09 32.94 -21.74
CA MET E 30 -3.14 33.01 -23.21
C MET E 30 -4.48 32.51 -23.76
N LEU E 31 -5.01 31.42 -23.19
CA LEU E 31 -6.27 30.82 -23.61
C LEU E 31 -7.46 31.46 -22.85
N SER E 32 -7.70 32.75 -23.11
CA SER E 32 -8.77 33.56 -22.51
C SER E 32 -8.73 33.55 -20.98
N ASN E 43 -8.29 28.29 -28.81
CA ASN E 43 -8.03 26.88 -29.10
C ASN E 43 -6.56 26.63 -29.41
N GLU E 44 -5.99 27.44 -30.31
CA GLU E 44 -4.61 27.32 -30.77
C GLU E 44 -3.63 28.14 -29.90
N VAL E 45 -2.43 27.58 -29.61
CA VAL E 45 -1.36 28.24 -28.83
C VAL E 45 -0.01 27.87 -29.46
N ASN E 46 0.81 28.88 -29.83
CA ASN E 46 2.12 28.67 -30.45
C ASN E 46 3.26 28.86 -29.45
N PHE E 47 4.34 28.08 -29.61
CA PHE E 47 5.54 28.15 -28.76
C PHE E 47 6.79 28.19 -29.64
N ARG E 48 7.29 29.40 -29.92
CA ARG E 48 8.45 29.61 -30.78
C ARG E 48 9.78 29.16 -30.15
N GLU E 49 9.86 29.02 -28.81
CA GLU E 49 11.11 28.60 -28.12
C GLU E 49 11.02 27.21 -27.44
N ILE E 50 9.93 26.43 -27.63
CA ILE E 50 9.81 25.08 -27.05
C ILE E 50 9.79 24.08 -28.21
N PRO E 51 10.81 23.22 -28.37
CA PRO E 51 10.77 22.23 -29.45
C PRO E 51 9.83 21.05 -29.17
N SER E 52 9.55 20.25 -30.20
CA SER E 52 8.61 19.11 -30.15
C SER E 52 8.90 18.07 -29.07
N HIS E 53 10.15 17.60 -28.94
CA HIS E 53 10.52 16.61 -27.92
C HIS E 53 10.30 17.10 -26.47
N VAL E 54 10.38 18.42 -26.23
CA VAL E 54 10.14 19.03 -24.92
C VAL E 54 8.63 19.17 -24.75
N LEU E 55 7.92 19.74 -25.76
CA LEU E 55 6.47 19.95 -25.69
C LEU E 55 5.68 18.64 -25.55
N SER E 56 6.16 17.53 -26.16
CA SER E 56 5.51 16.23 -26.01
C SER E 56 5.65 15.74 -24.56
N LYS E 57 6.81 16.01 -23.93
CA LYS E 57 7.06 15.64 -22.53
C LYS E 57 6.21 16.51 -21.57
N VAL E 58 5.94 17.78 -21.94
CA VAL E 58 5.07 18.67 -21.15
C VAL E 58 3.62 18.17 -21.23
N CYS E 59 3.19 17.66 -22.39
CA CYS E 59 1.85 17.09 -22.55
C CYS E 59 1.71 15.79 -21.75
N MET E 60 2.80 15.01 -21.61
CA MET E 60 2.83 13.77 -20.81
C MET E 60 2.73 14.11 -19.32
N TYR E 61 3.23 15.29 -18.92
CA TYR E 61 3.11 15.74 -17.53
C TYR E 61 1.65 16.14 -17.27
N PHE E 62 0.97 16.81 -18.23
CA PHE E 62 -0.43 17.20 -18.04
C PHE E 62 -1.33 15.98 -17.81
N THR E 63 -1.07 14.86 -18.51
CA THR E 63 -1.82 13.63 -18.33
C THR E 63 -1.51 13.03 -16.93
N TYR E 64 -0.23 13.03 -16.55
CA TYR E 64 0.25 12.56 -15.24
C TYR E 64 -0.33 13.41 -14.08
N LYS E 65 -0.43 14.73 -14.28
CA LYS E 65 -0.97 15.71 -13.33
C LYS E 65 -2.44 15.38 -13.05
N VAL E 66 -3.27 15.38 -14.09
CA VAL E 66 -4.73 15.15 -13.96
C VAL E 66 -5.05 13.74 -13.46
N ARG E 67 -4.29 12.72 -13.90
CA ARG E 67 -4.56 11.34 -13.49
C ARG E 67 -4.25 11.07 -12.01
N TYR E 68 -3.12 11.58 -11.48
CA TYR E 68 -2.71 11.26 -10.11
C TYR E 68 -2.98 12.34 -9.04
N THR E 69 -3.46 13.56 -9.41
CA THR E 69 -3.75 14.58 -8.40
C THR E 69 -5.07 14.24 -7.70
N ASN E 70 -5.08 14.23 -6.35
CA ASN E 70 -6.23 13.87 -5.51
C ASN E 70 -6.71 12.45 -5.86
N SER E 71 -5.74 11.52 -5.96
CA SER E 71 -5.97 10.13 -6.33
C SER E 71 -5.49 9.21 -5.21
N SER E 72 -6.22 8.09 -4.98
CA SER E 72 -5.90 7.10 -3.96
C SER E 72 -5.02 5.96 -4.49
N THR E 73 -4.85 5.84 -5.83
CA THR E 73 -3.97 4.84 -6.45
C THR E 73 -2.51 5.26 -6.17
N GLU E 74 -1.55 4.32 -6.21
CA GLU E 74 -0.14 4.64 -5.95
C GLU E 74 0.41 5.60 -7.01
N ILE E 75 1.14 6.65 -6.57
CA ILE E 75 1.72 7.65 -7.48
C ILE E 75 3.06 7.10 -7.97
N PRO E 76 3.26 6.86 -9.29
CA PRO E 76 4.58 6.44 -9.75
C PRO E 76 5.47 7.66 -9.97
N GLU E 77 6.77 7.44 -10.18
CA GLU E 77 7.71 8.54 -10.44
C GLU E 77 7.51 9.07 -11.86
N PHE E 78 7.57 10.41 -12.05
CA PHE E 78 7.51 11.02 -13.38
C PHE E 78 8.95 10.99 -13.89
N PRO E 79 9.28 10.20 -14.95
CA PRO E 79 10.68 10.11 -15.38
C PRO E 79 11.10 11.24 -16.31
N ILE E 80 12.33 11.73 -16.12
CA ILE E 80 12.95 12.77 -16.96
C ILE E 80 14.35 12.27 -17.27
N ALA E 81 14.66 12.07 -18.57
CA ALA E 81 15.98 11.59 -18.98
C ALA E 81 17.01 12.72 -18.81
N PRO E 82 18.29 12.42 -18.51
CA PRO E 82 19.29 13.50 -18.35
C PRO E 82 19.46 14.48 -19.53
N GLU E 83 19.21 14.03 -20.78
CA GLU E 83 19.41 14.87 -21.97
C GLU E 83 18.31 15.95 -22.09
N ILE E 84 17.07 15.66 -21.64
CA ILE E 84 15.93 16.57 -21.75
C ILE E 84 15.70 17.44 -20.50
N ALA E 85 16.34 17.11 -19.36
CA ALA E 85 16.18 17.82 -18.07
C ALA E 85 16.33 19.35 -18.11
N LEU E 86 17.30 19.87 -18.88
CA LEU E 86 17.56 21.31 -18.94
C LEU E 86 16.47 22.06 -19.72
N GLU E 87 16.20 21.63 -20.97
CA GLU E 87 15.17 22.27 -21.80
C GLU E 87 13.78 22.13 -21.18
N LEU E 88 13.50 20.99 -20.50
CA LEU E 88 12.22 20.76 -19.84
C LEU E 88 12.08 21.66 -18.61
N LEU E 89 13.20 21.98 -17.91
CA LEU E 89 13.17 22.89 -16.76
C LEU E 89 12.78 24.31 -17.23
N MET E 90 13.42 24.79 -18.32
CA MET E 90 13.12 26.11 -18.90
C MET E 90 11.68 26.20 -19.38
N ALA E 91 11.14 25.11 -19.96
CA ALA E 91 9.75 25.07 -20.43
C ALA E 91 8.78 25.11 -19.24
N ALA E 92 9.06 24.33 -18.18
CA ALA E 92 8.24 24.29 -16.95
C ALA E 92 8.17 25.63 -16.25
N ASN E 93 9.31 26.33 -16.17
CA ASN E 93 9.40 27.68 -15.57
C ASN E 93 8.60 28.68 -16.40
N PHE E 94 8.74 28.62 -17.74
CA PHE E 94 8.03 29.51 -18.65
C PHE E 94 6.52 29.24 -18.67
N LEU E 95 6.09 27.97 -18.49
CA LEU E 95 4.67 27.60 -18.51
C LEU E 95 3.99 27.54 -17.14
N ASP E 96 4.75 27.62 -16.02
CA ASP E 96 4.20 27.62 -14.66
C ASP E 96 3.35 26.37 -14.38
N CYS E 97 3.99 25.19 -14.44
CA CYS E 97 3.37 23.88 -14.19
C CYS E 97 4.32 22.96 -13.43
N PRO F 10 4.36 26.84 20.14
CA PRO F 10 5.01 26.81 18.81
C PRO F 10 4.13 26.30 17.66
N VAL F 11 2.79 26.35 17.81
CA VAL F 11 1.80 25.96 16.81
C VAL F 11 1.93 24.47 16.38
N LEU F 12 2.81 24.15 15.40
CA LEU F 12 3.00 22.76 14.93
C LEU F 12 4.07 22.08 15.79
N ARG F 13 3.61 21.33 16.78
CA ARG F 13 4.47 20.61 17.72
C ARG F 13 3.72 19.37 18.22
N SER F 14 4.45 18.39 18.77
CA SER F 14 3.81 17.21 19.36
C SER F 14 3.29 17.61 20.74
N VAL F 15 2.15 17.04 21.15
CA VAL F 15 1.57 17.29 22.46
C VAL F 15 2.14 16.20 23.37
N ASN F 16 2.60 16.55 24.59
CA ASN F 16 3.11 15.56 25.55
C ASN F 16 1.88 14.91 26.20
N SER F 17 1.18 14.05 25.41
CA SER F 17 -0.07 13.42 25.80
C SER F 17 0.12 12.30 26.80
N ARG F 18 1.19 11.49 26.64
CA ARG F 18 1.47 10.32 27.49
C ARG F 18 0.38 9.25 27.32
N GLU F 19 -0.19 9.16 26.10
CA GLU F 19 -1.23 8.21 25.74
C GLU F 19 -0.67 7.39 24.56
N PRO F 20 -0.18 6.15 24.78
CA PRO F 20 0.42 5.38 23.68
C PRO F 20 -0.50 5.16 22.47
N SER F 21 0.12 5.11 21.28
CA SER F 21 -0.56 4.88 20.01
C SER F 21 0.33 4.05 19.10
N GLN F 22 -0.22 2.94 18.59
CA GLN F 22 0.48 1.98 17.76
C GLN F 22 0.19 2.39 16.32
N VAL F 23 1.24 2.60 15.51
CA VAL F 23 1.13 3.05 14.13
C VAL F 23 1.89 2.12 13.20
N ILE F 24 1.47 2.06 11.92
CA ILE F 24 2.15 1.29 10.88
C ILE F 24 2.68 2.29 9.85
N PHE F 25 4.00 2.40 9.72
CA PHE F 25 4.63 3.26 8.71
C PHE F 25 4.85 2.40 7.49
N CYS F 26 4.19 2.71 6.36
CA CYS F 26 4.34 1.95 5.13
C CYS F 26 4.86 2.85 4.03
N ASN F 27 6.07 2.58 3.54
CA ASN F 27 6.67 3.36 2.46
C ASN F 27 6.24 2.82 1.11
N ARG F 28 5.29 3.51 0.44
CA ARG F 28 4.82 3.13 -0.90
C ARG F 28 5.25 4.16 -1.94
N SER F 29 6.54 4.54 -1.87
CA SER F 29 7.18 5.46 -2.82
C SER F 29 8.48 4.80 -3.29
N PRO F 30 9.09 5.29 -4.39
CA PRO F 30 10.39 4.71 -4.82
C PRO F 30 11.59 5.38 -4.14
N ARG F 31 11.36 6.26 -3.14
CA ARG F 31 12.40 6.98 -2.41
C ARG F 31 12.72 6.29 -1.09
N VAL F 32 13.93 6.54 -0.55
CA VAL F 32 14.33 6.06 0.77
C VAL F 32 13.71 7.11 1.67
N VAL F 33 12.75 6.72 2.51
CA VAL F 33 12.00 7.66 3.35
C VAL F 33 12.65 7.92 4.70
N LEU F 34 12.59 9.19 5.13
CA LEU F 34 13.09 9.62 6.43
C LEU F 34 11.89 10.07 7.25
N PRO F 35 11.44 9.30 8.26
CA PRO F 35 10.38 9.80 9.14
C PRO F 35 10.93 10.93 10.00
N VAL F 36 10.20 12.04 10.10
CA VAL F 36 10.62 13.19 10.92
C VAL F 36 9.56 13.44 11.99
N TRP F 37 9.95 13.44 13.26
CA TRP F 37 9.05 13.69 14.39
C TRP F 37 9.29 15.11 14.89
N LEU F 38 8.24 15.93 15.00
CA LEU F 38 8.35 17.28 15.56
C LEU F 38 8.27 17.10 17.07
N ASN F 39 9.31 17.51 17.83
CA ASN F 39 9.32 17.30 19.28
C ASN F 39 8.31 18.24 20.02
N PHE F 40 8.37 18.29 21.37
CA PHE F 40 7.43 19.09 22.16
C PHE F 40 7.63 20.61 21.98
N ASP F 41 8.77 21.04 21.40
CA ASP F 41 9.08 22.44 21.10
C ASP F 41 8.97 22.73 19.57
N GLY F 42 8.37 21.81 18.81
CA GLY F 42 8.21 21.94 17.36
C GLY F 42 9.47 21.77 16.53
N GLU F 43 10.54 21.20 17.12
CA GLU F 43 11.84 21.02 16.48
C GLU F 43 11.87 19.65 15.76
N PRO F 44 12.27 19.54 14.46
CA PRO F 44 12.26 18.22 13.80
C PRO F 44 13.37 17.27 14.27
N GLN F 45 13.01 15.98 14.47
CA GLN F 45 13.91 14.93 14.93
C GLN F 45 13.94 13.80 13.91
N PRO F 46 15.12 13.37 13.40
CA PRO F 46 15.13 12.28 12.42
C PRO F 46 15.00 10.91 13.07
N TYR F 47 14.30 9.98 12.39
CA TYR F 47 14.10 8.61 12.89
C TYR F 47 14.67 7.62 11.86
N PRO F 48 14.84 6.33 12.21
CA PRO F 48 15.42 5.37 11.23
C PRO F 48 14.70 5.38 9.87
N THR F 49 15.48 5.29 8.77
CA THR F 49 14.92 5.36 7.43
C THR F 49 14.18 4.08 7.03
N LEU F 50 13.25 4.22 6.06
CA LEU F 50 12.45 3.12 5.52
C LEU F 50 12.79 2.91 4.05
N PRO F 51 13.39 1.77 3.65
CA PRO F 51 13.68 1.56 2.22
C PRO F 51 12.40 1.47 1.36
N PRO F 52 12.47 1.70 0.02
CA PRO F 52 11.25 1.60 -0.82
C PRO F 52 10.49 0.29 -0.66
N GLY F 53 9.17 0.37 -0.42
CA GLY F 53 8.31 -0.79 -0.24
C GLY F 53 8.29 -1.39 1.16
N THR F 54 9.11 -0.87 2.09
CA THR F 54 9.20 -1.42 3.46
C THR F 54 8.12 -0.84 4.36
N GLY F 55 7.63 -1.67 5.26
CA GLY F 55 6.62 -1.33 6.25
C GLY F 55 7.07 -1.76 7.63
N ARG F 56 6.79 -0.93 8.66
CA ARG F 56 7.19 -1.19 10.03
C ARG F 56 6.11 -0.81 11.04
N ARG F 57 5.96 -1.64 12.08
CA ARG F 57 5.02 -1.43 13.19
C ARG F 57 5.78 -0.55 14.22
N ILE F 58 5.47 0.76 14.28
CA ILE F 58 6.15 1.69 15.19
C ILE F 58 5.26 2.10 16.37
N HIS F 59 5.91 2.53 17.47
CA HIS F 59 5.21 2.97 18.67
C HIS F 59 5.36 4.48 18.85
N SER F 60 4.21 5.18 18.83
CA SER F 60 4.12 6.64 19.00
C SER F 60 3.09 6.95 20.09
N TYR F 61 2.56 8.19 20.14
CA TYR F 61 1.58 8.61 21.14
C TYR F 61 0.54 9.52 20.48
N ARG F 62 -0.59 9.74 21.16
CA ARG F 62 -1.68 10.57 20.63
C ARG F 62 -1.26 12.05 20.57
N GLY F 63 -1.58 12.75 19.48
CA GLY F 63 -1.22 14.16 19.30
C GLY F 63 0.21 14.43 18.90
N HIS F 64 0.95 13.40 18.45
CA HIS F 64 2.34 13.54 18.02
C HIS F 64 2.39 13.82 16.52
N LEU F 65 3.07 14.91 16.11
CA LEU F 65 3.14 15.33 14.70
C LEU F 65 4.28 14.67 13.95
N TRP F 66 4.00 14.15 12.75
CA TRP F 66 4.97 13.51 11.89
C TRP F 66 4.91 14.05 10.46
N LEU F 67 6.04 14.00 9.77
CA LEU F 67 6.19 14.35 8.37
C LEU F 67 7.25 13.44 7.80
N PHE F 68 7.20 13.19 6.49
CA PHE F 68 8.09 12.24 5.82
C PHE F 68 8.80 12.92 4.66
N ARG F 69 10.11 12.66 4.52
CA ARG F 69 10.97 13.27 3.51
C ARG F 69 11.78 12.21 2.77
N ASP F 70 12.45 12.59 1.67
CA ASP F 70 13.41 11.72 1.00
C ASP F 70 14.65 11.82 1.88
N ALA F 71 15.22 10.69 2.34
CA ALA F 71 16.38 10.72 3.24
C ALA F 71 17.61 11.42 2.66
N GLY F 72 17.86 11.25 1.37
CA GLY F 72 19.01 11.85 0.70
C GLY F 72 18.81 13.26 0.20
N THR F 73 17.67 13.51 -0.48
CA THR F 73 17.35 14.80 -1.12
C THR F 73 16.54 15.78 -0.25
N HIS F 74 15.84 15.28 0.78
CA HIS F 74 14.95 16.06 1.66
C HIS F 74 13.69 16.62 0.94
N ASP F 75 13.28 15.98 -0.19
CA ASP F 75 12.05 16.33 -0.90
C ASP F 75 10.86 15.91 -0.04
N GLY F 76 9.83 16.74 0.01
CA GLY F 76 8.63 16.45 0.81
C GLY F 76 7.79 15.33 0.24
N LEU F 77 7.21 14.49 1.12
CA LEU F 77 6.35 13.38 0.73
C LEU F 77 4.99 13.50 1.41
N LEU F 78 4.00 12.75 0.92
CA LEU F 78 2.65 12.74 1.50
C LEU F 78 2.46 11.52 2.38
N VAL F 79 1.62 11.66 3.39
CA VAL F 79 1.24 10.58 4.31
C VAL F 79 -0.28 10.65 4.37
N ASN F 80 -0.96 9.62 3.84
CA ASN F 80 -2.42 9.56 3.72
C ASN F 80 -2.95 10.75 2.91
N GLN F 81 -2.31 11.01 1.75
CA GLN F 81 -2.65 12.07 0.80
C GLN F 81 -2.54 13.49 1.38
N THR F 82 -1.68 13.70 2.39
CA THR F 82 -1.50 15.02 3.00
C THR F 82 -0.10 15.19 3.60
N GLU F 83 0.25 16.44 3.92
CA GLU F 83 1.57 16.83 4.44
C GLU F 83 1.94 16.21 5.79
N LEU F 84 1.06 16.33 6.78
CA LEU F 84 1.31 15.89 8.16
C LEU F 84 0.48 14.69 8.60
N PHE F 85 0.98 13.97 9.61
CA PHE F 85 0.31 12.81 10.19
C PHE F 85 0.31 12.91 11.72
N VAL F 86 -0.87 12.81 12.33
CA VAL F 86 -1.06 12.82 13.77
C VAL F 86 -1.86 11.56 14.11
N PRO F 87 -1.31 10.63 14.93
CA PRO F 87 -2.11 9.44 15.26
C PRO F 87 -3.18 9.75 16.29
N SER F 88 -4.35 9.12 16.14
CA SER F 88 -5.46 9.23 17.08
C SER F 88 -5.25 8.12 18.15
N LEU F 89 -6.25 7.84 19.00
CA LEU F 89 -6.13 6.73 19.97
C LEU F 89 -6.50 5.45 19.22
N ASN F 90 -5.97 4.30 19.67
CA ASN F 90 -6.28 3.00 19.07
C ASN F 90 -7.69 2.62 19.51
N VAL F 91 -8.60 2.38 18.55
CA VAL F 91 -9.97 1.96 18.84
C VAL F 91 -9.93 0.44 18.96
N ASP F 92 -10.11 -0.11 20.18
CA ASP F 92 -10.10 -1.55 20.45
C ASP F 92 -8.75 -2.22 20.05
N GLY F 93 -7.65 -1.57 20.40
CA GLY F 93 -6.30 -2.06 20.11
C GLY F 93 -5.92 -2.19 18.64
N GLN F 94 -6.64 -1.50 17.73
CA GLN F 94 -6.37 -1.57 16.30
C GLN F 94 -5.22 -0.61 15.95
N PRO F 95 -4.22 -1.02 15.13
CA PRO F 95 -3.15 -0.07 14.77
C PRO F 95 -3.62 0.97 13.75
N ILE F 96 -3.01 2.17 13.77
CA ILE F 96 -3.34 3.27 12.87
C ILE F 96 -2.34 3.24 11.70
N PHE F 97 -2.83 3.30 10.46
CA PHE F 97 -1.96 3.17 9.30
C PHE F 97 -1.52 4.49 8.68
N ALA F 98 -0.20 4.68 8.52
CA ALA F 98 0.41 5.84 7.87
C ALA F 98 0.99 5.36 6.51
N ASN F 99 0.32 5.73 5.41
CA ASN F 99 0.69 5.32 4.05
C ASN F 99 1.51 6.43 3.41
N ILE F 100 2.83 6.25 3.36
CA ILE F 100 3.74 7.26 2.82
C ILE F 100 3.85 7.08 1.31
N THR F 101 3.46 8.11 0.54
CA THR F 101 3.48 8.08 -0.91
C THR F 101 4.16 9.33 -1.48
N LEU F 102 4.40 9.30 -2.79
CA LEU F 102 5.04 10.37 -3.54
C LEU F 102 3.96 11.42 -3.92
N PRO F 103 4.19 12.73 -3.72
CA PRO F 103 3.18 13.72 -4.15
C PRO F 103 3.29 13.96 -5.66
N VAL F 104 2.25 14.60 -6.24
CA VAL F 104 2.29 14.99 -7.64
C VAL F 104 3.06 16.31 -7.62
N TYR F 105 4.39 16.24 -7.78
CA TYR F 105 5.23 17.44 -7.79
C TYR F 105 4.92 18.26 -9.03
N THR F 106 5.24 19.55 -9.00
CA THR F 106 5.06 20.42 -10.16
C THR F 106 6.16 20.04 -11.15
N LEU F 107 5.90 20.12 -12.45
CA LEU F 107 6.92 19.81 -13.46
C LEU F 107 8.19 20.63 -13.21
N LYS F 108 8.05 21.91 -12.83
CA LYS F 108 9.21 22.78 -12.52
C LYS F 108 10.01 22.22 -11.37
N GLU F 109 9.33 21.79 -10.27
CA GLU F 109 10.02 21.23 -9.10
C GLU F 109 10.62 19.86 -9.40
N ARG F 110 9.92 19.02 -10.18
CA ARG F 110 10.44 17.70 -10.55
C ARG F 110 11.67 17.83 -11.47
N CYS F 111 11.66 18.81 -12.41
CA CYS F 111 12.82 19.09 -13.26
C CYS F 111 14.00 19.51 -12.39
N LEU F 112 13.73 20.40 -11.42
CA LEU F 112 14.70 20.90 -10.42
C LEU F 112 15.40 19.73 -9.69
N GLN F 113 14.63 18.71 -9.24
CA GLN F 113 15.16 17.54 -8.52
C GLN F 113 16.14 16.71 -9.36
N VAL F 114 15.75 16.40 -10.61
CA VAL F 114 16.56 15.58 -11.51
C VAL F 114 17.88 16.26 -11.86
N VAL F 115 17.87 17.59 -12.06
CA VAL F 115 19.11 18.34 -12.36
C VAL F 115 20.01 18.33 -11.10
N ARG F 116 19.44 18.61 -9.90
CA ARG F 116 20.18 18.57 -8.63
C ARG F 116 20.88 17.20 -8.42
N SER F 117 20.24 16.09 -8.82
CA SER F 117 20.82 14.75 -8.66
C SER F 117 21.96 14.45 -9.66
N LEU F 118 22.01 15.16 -10.80
CA LEU F 118 23.01 14.96 -11.84
C LEU F 118 24.19 15.95 -11.78
N VAL F 119 23.95 17.23 -11.41
CA VAL F 119 25.02 18.25 -11.33
C VAL F 119 25.28 18.66 -9.87
N LYS F 120 26.53 19.06 -9.57
CA LYS F 120 26.98 19.41 -8.22
C LYS F 120 26.58 20.86 -7.87
N PRO F 121 26.33 21.21 -6.58
CA PRO F 121 25.95 22.60 -6.24
C PRO F 121 26.92 23.71 -6.69
N GLU F 122 28.22 23.40 -6.75
CA GLU F 122 29.24 24.36 -7.20
C GLU F 122 29.11 24.69 -8.71
N ASN F 123 28.58 23.74 -9.52
CA ASN F 123 28.41 23.92 -10.98
C ASN F 123 26.96 24.28 -11.40
N TYR F 124 26.10 24.76 -10.47
CA TYR F 124 24.72 25.19 -10.79
C TYR F 124 24.76 26.45 -11.65
N ARG F 125 25.62 27.41 -11.28
CA ARG F 125 25.77 28.67 -12.02
C ARG F 125 26.29 28.48 -13.47
N ARG F 126 27.01 27.38 -13.76
CA ARG F 126 27.52 27.09 -15.10
C ARG F 126 26.44 26.64 -16.12
N LEU F 127 25.16 26.44 -15.72
CA LEU F 127 24.09 26.05 -16.65
C LEU F 127 23.78 27.16 -17.66
N ASP F 128 23.22 26.78 -18.82
CA ASP F 128 22.81 27.71 -19.89
C ASP F 128 21.34 28.18 -19.67
N ILE F 129 21.01 28.46 -18.41
CA ILE F 129 19.65 28.79 -18.01
C ILE F 129 19.50 30.23 -17.56
N VAL F 130 18.26 30.70 -17.53
CA VAL F 130 17.89 32.08 -17.16
C VAL F 130 18.28 32.43 -15.70
N ARG F 131 18.27 33.74 -15.36
CA ARG F 131 18.68 34.27 -14.05
C ARG F 131 17.85 33.74 -12.86
N SER F 132 16.52 33.78 -12.97
CA SER F 132 15.61 33.34 -11.90
C SER F 132 15.68 31.83 -11.62
N LEU F 133 16.08 31.01 -12.61
CA LEU F 133 16.15 29.55 -12.43
C LEU F 133 17.36 29.11 -11.59
N TYR F 134 18.41 29.95 -11.47
CA TYR F 134 19.56 29.63 -10.61
C TYR F 134 19.10 29.75 -9.15
N GLU F 135 18.32 30.80 -8.85
CA GLU F 135 17.77 31.06 -7.51
C GLU F 135 16.78 29.97 -7.06
N ASP F 136 16.05 29.35 -8.01
CA ASP F 136 15.11 28.27 -7.71
C ASP F 136 15.89 26.98 -7.43
N LEU F 137 16.91 26.70 -8.25
CA LEU F 137 17.78 25.53 -8.09
C LEU F 137 18.66 25.64 -6.83
N GLU F 138 18.97 26.88 -6.40
CA GLU F 138 19.79 27.16 -5.22
C GLU F 138 19.08 26.70 -3.95
N ASP F 139 17.86 27.22 -3.68
CA ASP F 139 17.13 26.86 -2.46
C ASP F 139 16.64 25.40 -2.50
N HIS F 140 17.40 24.50 -1.84
CA HIS F 140 17.06 23.08 -1.77
C HIS F 140 15.88 22.90 -0.81
N PRO F 141 15.08 21.83 -0.95
CA PRO F 141 13.93 21.65 -0.04
C PRO F 141 14.39 21.41 1.39
N ASN F 142 13.81 22.16 2.32
CA ASN F 142 14.14 22.07 3.75
C ASN F 142 12.82 21.99 4.53
N VAL F 143 12.84 21.25 5.67
CA VAL F 143 11.65 21.03 6.49
C VAL F 143 11.14 22.33 7.11
N GLN F 144 12.05 23.19 7.63
CA GLN F 144 11.66 24.46 8.24
C GLN F 144 10.95 25.42 7.27
N LYS F 145 11.24 25.34 5.96
CA LYS F 145 10.57 26.17 4.94
C LYS F 145 9.11 25.73 4.84
N ASP F 146 8.89 24.41 4.74
CA ASP F 146 7.55 23.83 4.66
C ASP F 146 6.80 23.86 5.98
N LEU F 147 7.51 23.83 7.14
CA LEU F 147 6.84 23.95 8.44
C LEU F 147 6.23 25.34 8.58
N GLU F 148 6.97 26.38 8.14
CA GLU F 148 6.45 27.74 8.18
C GLU F 148 5.33 27.93 7.15
N ARG F 149 5.40 27.18 6.01
CA ARG F 149 4.36 27.22 4.98
C ARG F 149 3.05 26.63 5.53
N LEU F 150 3.15 25.58 6.39
CA LEU F 150 1.99 24.94 7.02
C LEU F 150 1.54 25.71 8.26
N THR F 151 2.48 26.31 9.00
CA THR F 151 2.17 27.14 10.17
C THR F 151 1.38 28.38 9.73
N GLN F 152 1.81 29.05 8.64
CA GLN F 152 1.12 30.23 8.13
C GLN F 152 -0.21 29.88 7.39
N GLU F 153 -0.37 28.61 7.03
CA GLU F 153 -1.60 28.08 6.41
C GLU F 153 -2.71 28.02 7.46
N ARG F 154 -2.52 28.64 8.63
CA ARG F 154 -3.51 28.65 9.74
C ARG F 154 -4.68 29.56 9.38
N LEU G 6 -62.12 21.30 -9.76
CA LEU G 6 -61.77 19.91 -9.99
C LEU G 6 -60.33 19.76 -10.44
N SER G 7 -59.93 20.54 -11.48
CA SER G 7 -58.55 20.57 -12.00
C SER G 7 -57.97 21.96 -11.72
N PRO G 8 -57.31 22.15 -10.56
CA PRO G 8 -56.81 23.50 -10.22
C PRO G 8 -55.59 24.00 -11.00
N ASN G 9 -54.93 23.17 -11.83
CA ASN G 9 -53.74 23.59 -12.58
C ASN G 9 -53.94 23.48 -14.11
N PRO G 10 -53.56 24.52 -14.88
CA PRO G 10 -53.70 24.45 -16.34
C PRO G 10 -52.76 23.42 -16.99
N PRO G 11 -53.04 22.96 -18.23
CA PRO G 11 -52.16 21.95 -18.85
C PRO G 11 -50.71 22.38 -19.05
N LYS G 12 -50.48 23.65 -19.43
CA LYS G 12 -49.13 24.18 -19.61
C LYS G 12 -48.32 24.24 -18.31
N LEU G 13 -48.98 24.39 -17.13
CA LEU G 13 -48.30 24.42 -15.83
C LEU G 13 -47.82 23.02 -15.46
N THR G 14 -48.67 21.98 -15.65
CA THR G 14 -48.30 20.60 -15.38
C THR G 14 -47.24 20.12 -16.39
N LYS G 15 -47.29 20.66 -17.64
CA LYS G 15 -46.33 20.33 -18.72
C LYS G 15 -44.93 20.83 -18.36
N GLN G 16 -44.81 22.11 -17.97
CA GLN G 16 -43.52 22.71 -17.59
C GLN G 16 -43.00 22.22 -16.22
N MET G 17 -43.89 21.72 -15.33
CA MET G 17 -43.50 21.19 -14.01
C MET G 17 -42.72 19.88 -14.18
N ASN G 18 -43.30 18.90 -14.91
CA ASN G 18 -42.63 17.62 -15.15
C ASN G 18 -41.46 17.75 -16.14
N ALA G 19 -41.40 18.85 -16.94
CA ALA G 19 -40.28 19.09 -17.86
C ALA G 19 -39.02 19.43 -17.06
N ILE G 20 -39.19 20.19 -15.95
CA ILE G 20 -38.09 20.56 -15.05
C ILE G 20 -37.61 19.35 -14.25
N ILE G 21 -38.55 18.57 -13.66
CA ILE G 21 -38.19 17.39 -12.84
C ILE G 21 -37.54 16.28 -13.69
N ASP G 22 -37.92 16.15 -14.98
CA ASP G 22 -37.32 15.17 -15.89
C ASP G 22 -35.86 15.57 -16.19
N THR G 23 -35.56 16.89 -16.24
CA THR G 23 -34.19 17.38 -16.45
C THR G 23 -33.33 17.04 -15.23
N VAL G 24 -33.89 17.17 -14.01
CA VAL G 24 -33.18 16.85 -12.76
C VAL G 24 -32.98 15.32 -12.65
N ILE G 25 -34.02 14.53 -12.95
CA ILE G 25 -33.97 13.06 -12.88
C ILE G 25 -33.03 12.46 -13.93
N ASN G 26 -33.10 12.94 -15.18
CA ASN G 26 -32.25 12.42 -16.27
C ASN G 26 -30.84 13.03 -16.31
N TYR G 27 -30.49 13.99 -15.40
CA TYR G 27 -29.16 14.61 -15.38
C TYR G 27 -28.05 13.60 -15.08
N LYS G 28 -26.92 13.72 -15.79
CA LYS G 28 -25.73 12.88 -15.62
C LYS G 28 -24.48 13.75 -15.60
N ASP G 29 -23.53 13.44 -14.70
CA ASP G 29 -22.28 14.19 -14.57
C ASP G 29 -21.25 13.79 -15.64
N SER G 30 -20.02 14.35 -15.58
CA SER G 30 -18.93 14.01 -16.51
C SER G 30 -18.63 12.51 -16.55
N SER G 31 -18.74 11.83 -15.39
CA SER G 31 -18.51 10.39 -15.28
C SER G 31 -19.60 9.54 -15.99
N GLY G 32 -20.79 10.10 -16.18
CA GLY G 32 -21.92 9.42 -16.80
C GLY G 32 -22.88 8.83 -15.79
N ARG G 33 -22.66 9.11 -14.48
CA ARG G 33 -23.50 8.60 -13.40
C ARG G 33 -24.74 9.47 -13.23
N GLN G 34 -25.92 8.83 -13.12
CA GLN G 34 -27.18 9.56 -12.91
C GLN G 34 -27.25 9.91 -11.41
N LEU G 35 -27.16 11.21 -11.08
CA LEU G 35 -27.14 11.66 -9.68
C LEU G 35 -28.42 11.35 -8.91
N SER G 36 -29.60 11.50 -9.56
CA SER G 36 -30.91 11.28 -8.95
C SER G 36 -31.20 9.83 -8.51
N GLU G 37 -30.52 8.83 -9.10
CA GLU G 37 -30.72 7.38 -8.84
C GLU G 37 -31.10 7.04 -7.38
N VAL G 38 -30.26 7.42 -6.42
CA VAL G 38 -30.47 7.15 -4.99
C VAL G 38 -31.68 7.92 -4.40
N PHE G 39 -32.01 9.09 -4.97
CA PHE G 39 -33.08 9.95 -4.49
C PHE G 39 -34.48 9.59 -5.00
N ILE G 40 -34.61 8.66 -5.97
CA ILE G 40 -35.92 8.32 -6.54
C ILE G 40 -36.83 7.58 -5.56
N GLN G 41 -36.30 6.60 -4.81
CA GLN G 41 -37.08 5.81 -3.86
C GLN G 41 -36.51 5.95 -2.44
N LEU G 42 -37.34 6.42 -1.50
CA LEU G 42 -36.96 6.58 -0.09
C LEU G 42 -36.92 5.17 0.55
N PRO G 43 -36.01 4.88 1.50
CA PRO G 43 -36.00 3.52 2.09
C PRO G 43 -37.11 3.38 3.12
N SER G 44 -37.66 2.16 3.30
CA SER G 44 -38.75 1.95 4.25
C SER G 44 -38.31 2.11 5.71
N ARG G 45 -39.29 2.28 6.61
CA ARG G 45 -39.06 2.43 8.05
C ARG G 45 -38.35 1.20 8.66
N LYS G 46 -38.59 0.00 8.09
CA LYS G 46 -37.93 -1.25 8.50
C LYS G 46 -36.43 -1.17 8.11
N GLU G 47 -36.12 -0.72 6.87
CA GLU G 47 -34.74 -0.63 6.38
C GLU G 47 -33.90 0.39 7.14
N LEU G 48 -34.37 1.66 7.16
CA LEU G 48 -33.65 2.76 7.82
C LEU G 48 -34.58 3.49 8.82
N PRO G 49 -34.82 2.91 10.03
CA PRO G 49 -35.66 3.63 11.01
C PRO G 49 -35.03 4.93 11.52
N GLU G 50 -33.68 5.04 11.47
CA GLU G 50 -32.94 6.24 11.90
C GLU G 50 -33.24 7.45 11.01
N TYR G 51 -33.67 7.23 9.74
CA TYR G 51 -34.03 8.29 8.81
C TYR G 51 -35.31 9.01 9.24
N TYR G 52 -36.31 8.23 9.70
CA TYR G 52 -37.61 8.76 10.12
C TYR G 52 -37.57 9.39 11.51
N GLU G 53 -36.61 8.97 12.36
CA GLU G 53 -36.43 9.56 13.69
C GLU G 53 -35.93 11.01 13.56
N LEU G 54 -35.06 11.27 12.58
CA LEU G 54 -34.46 12.60 12.34
C LEU G 54 -35.29 13.48 11.40
N ILE G 55 -35.70 12.95 10.23
CA ILE G 55 -36.43 13.72 9.22
C ILE G 55 -37.93 13.73 9.54
N ARG G 56 -38.53 14.94 9.63
CA ARG G 56 -39.96 15.11 9.96
C ARG G 56 -40.88 15.03 8.72
N LYS G 57 -40.42 15.54 7.55
CA LYS G 57 -41.19 15.51 6.30
C LYS G 57 -40.39 14.77 5.21
N PRO G 58 -40.34 13.42 5.23
CA PRO G 58 -39.58 12.69 4.21
C PRO G 58 -40.17 12.85 2.80
N VAL G 59 -39.32 12.97 1.78
CA VAL G 59 -39.75 13.15 0.38
C VAL G 59 -38.69 12.61 -0.60
N ASP G 60 -39.16 12.02 -1.71
CA ASP G 60 -38.32 11.45 -2.77
C ASP G 60 -38.85 11.94 -4.13
N PHE G 61 -38.17 11.62 -5.25
CA PHE G 61 -38.64 12.03 -6.57
C PHE G 61 -39.91 11.27 -7.01
N LYS G 62 -40.22 10.10 -6.40
CA LYS G 62 -41.44 9.36 -6.69
C LYS G 62 -42.67 10.13 -6.17
N LYS G 63 -42.59 10.64 -4.91
CA LYS G 63 -43.67 11.45 -4.31
C LYS G 63 -43.79 12.82 -4.98
N ILE G 64 -42.69 13.39 -5.52
CA ILE G 64 -42.72 14.69 -6.22
C ILE G 64 -43.45 14.53 -7.56
N LYS G 65 -43.19 13.43 -8.31
CA LYS G 65 -43.89 13.19 -9.58
C LYS G 65 -45.37 12.84 -9.32
N GLU G 66 -45.67 12.21 -8.17
CA GLU G 66 -47.04 11.90 -7.75
C GLU G 66 -47.77 13.20 -7.40
N ARG G 67 -47.07 14.15 -6.73
CA ARG G 67 -47.65 15.45 -6.37
C ARG G 67 -47.90 16.37 -7.57
N ILE G 68 -47.18 16.14 -8.70
CA ILE G 68 -47.42 16.86 -9.96
C ILE G 68 -48.66 16.19 -10.61
N ARG G 69 -48.71 14.83 -10.60
CA ARG G 69 -49.82 14.07 -11.18
C ARG G 69 -51.15 14.31 -10.45
N ASN G 70 -51.14 14.45 -9.10
CA ASN G 70 -52.38 14.68 -8.33
C ASN G 70 -52.68 16.18 -8.06
N HIS G 71 -51.92 17.12 -8.69
CA HIS G 71 -52.14 18.57 -8.62
C HIS G 71 -52.07 19.16 -7.18
N LYS G 72 -51.04 18.78 -6.39
CA LYS G 72 -50.85 19.30 -5.02
C LYS G 72 -50.13 20.65 -5.07
N TYR G 73 -49.07 20.76 -5.89
CA TYR G 73 -48.31 22.01 -6.05
C TYR G 73 -49.13 22.87 -7.00
N ARG G 74 -49.44 24.12 -6.61
CA ARG G 74 -50.21 25.04 -7.44
C ARG G 74 -49.36 26.03 -8.23
N SER G 75 -48.02 25.97 -8.08
CA SER G 75 -47.07 26.85 -8.79
C SER G 75 -45.68 26.21 -8.85
N LEU G 76 -44.73 26.87 -9.56
CA LEU G 76 -43.36 26.39 -9.65
C LEU G 76 -42.63 26.59 -8.31
N GLY G 77 -43.01 27.62 -7.56
CA GLY G 77 -42.46 27.88 -6.24
C GLY G 77 -42.80 26.78 -5.26
N ASP G 78 -44.02 26.21 -5.36
CA ASP G 78 -44.48 25.09 -4.52
C ASP G 78 -43.69 23.81 -4.86
N LEU G 79 -43.34 23.62 -6.17
CA LEU G 79 -42.55 22.48 -6.63
C LEU G 79 -41.12 22.58 -6.08
N GLU G 80 -40.52 23.80 -6.15
CA GLU G 80 -39.17 24.07 -5.63
C GLU G 80 -39.11 23.80 -4.12
N LYS G 81 -40.14 24.25 -3.37
CA LYS G 81 -40.34 24.05 -1.92
C LYS G 81 -40.00 22.59 -1.53
N ASP G 82 -40.54 21.62 -2.30
CA ASP G 82 -40.33 20.17 -2.07
C ASP G 82 -39.02 19.62 -2.65
N VAL G 83 -38.51 20.15 -3.78
CA VAL G 83 -37.23 19.72 -4.34
C VAL G 83 -36.09 20.20 -3.43
N MET G 84 -36.21 21.40 -2.85
CA MET G 84 -35.23 21.92 -1.91
C MET G 84 -35.32 21.16 -0.58
N LEU G 85 -36.54 20.75 -0.16
CA LEU G 85 -36.76 19.97 1.06
C LEU G 85 -36.08 18.60 0.93
N LEU G 86 -36.21 17.96 -0.25
CA LEU G 86 -35.58 16.68 -0.57
C LEU G 86 -34.07 16.80 -0.37
N CYS G 87 -33.47 17.86 -0.93
CA CYS G 87 -32.04 18.14 -0.84
C CYS G 87 -31.59 18.49 0.58
N HIS G 88 -32.40 19.29 1.33
CA HIS G 88 -32.06 19.64 2.71
C HIS G 88 -32.19 18.44 3.64
N ASN G 89 -33.15 17.52 3.39
CA ASN G 89 -33.32 16.29 4.17
C ASN G 89 -32.10 15.37 3.94
N ALA G 90 -31.63 15.28 2.68
CA ALA G 90 -30.45 14.51 2.31
C ALA G 90 -29.19 15.08 2.93
N GLN G 91 -29.07 16.41 2.95
CA GLN G 91 -27.91 17.07 3.56
C GLN G 91 -27.92 16.92 5.08
N THR G 92 -29.08 17.16 5.71
CA THR G 92 -29.27 17.06 7.16
C THR G 92 -28.98 15.64 7.66
N PHE G 93 -29.50 14.62 6.94
CA PHE G 93 -29.32 13.22 7.34
C PHE G 93 -27.88 12.74 7.10
N ASN G 94 -27.38 12.88 5.87
CA ASN G 94 -26.06 12.37 5.48
C ASN G 94 -24.88 13.27 5.85
N LEU G 95 -25.10 14.57 6.11
CA LEU G 95 -24.06 15.52 6.55
C LEU G 95 -22.96 15.78 5.51
N GLU G 96 -22.16 16.83 5.77
CA GLU G 96 -21.07 17.28 4.89
C GLU G 96 -20.05 16.18 4.57
N GLY G 97 -19.58 16.17 3.34
CA GLY G 97 -18.61 15.20 2.87
C GLY G 97 -19.19 14.03 2.11
N SER G 98 -20.41 13.55 2.51
CA SER G 98 -21.09 12.42 1.88
C SER G 98 -21.33 12.63 0.39
N GLN G 99 -21.34 11.54 -0.40
CA GLN G 99 -21.64 11.64 -1.83
C GLN G 99 -23.10 12.07 -2.01
N ILE G 100 -24.03 11.60 -1.14
CA ILE G 100 -25.44 11.99 -1.18
C ILE G 100 -25.58 13.50 -0.92
N TYR G 101 -24.81 14.04 0.04
CA TYR G 101 -24.79 15.48 0.34
C TYR G 101 -24.28 16.25 -0.89
N GLU G 102 -23.16 15.80 -1.47
CA GLU G 102 -22.55 16.42 -2.67
C GLU G 102 -23.48 16.36 -3.89
N ASP G 103 -24.17 15.23 -4.09
CA ASP G 103 -25.12 15.06 -5.20
C ASP G 103 -26.34 15.98 -5.05
N SER G 104 -26.77 16.24 -3.80
CA SER G 104 -27.92 17.12 -3.52
C SER G 104 -27.65 18.54 -3.98
N ILE G 105 -26.44 19.09 -3.68
CA ILE G 105 -26.05 20.45 -4.08
C ILE G 105 -26.10 20.65 -5.59
N VAL G 106 -25.55 19.70 -6.38
CA VAL G 106 -25.56 19.84 -7.84
C VAL G 106 -27.00 19.66 -8.36
N LEU G 107 -27.82 18.76 -7.77
CA LEU G 107 -29.22 18.61 -8.18
C LEU G 107 -30.06 19.88 -7.86
N GLN G 108 -29.67 20.68 -6.83
CA GLN G 108 -30.35 21.95 -6.51
C GLN G 108 -30.11 22.96 -7.64
N SER G 109 -28.85 23.11 -8.09
CA SER G 109 -28.51 24.04 -9.18
C SER G 109 -29.09 23.58 -10.53
N VAL G 110 -29.18 22.26 -10.77
CA VAL G 110 -29.76 21.72 -12.00
C VAL G 110 -31.27 22.05 -12.05
N PHE G 111 -31.95 22.11 -10.88
CA PHE G 111 -33.37 22.48 -10.82
C PHE G 111 -33.55 23.97 -11.11
N LYS G 112 -32.72 24.83 -10.50
CA LYS G 112 -32.81 26.30 -10.69
C LYS G 112 -32.45 26.73 -12.09
N SER G 113 -31.39 26.14 -12.69
CA SER G 113 -30.99 26.49 -14.05
C SER G 113 -32.03 25.95 -15.06
N ALA G 114 -32.71 24.83 -14.74
CA ALA G 114 -33.76 24.27 -15.58
C ALA G 114 -35.05 25.10 -15.46
N ARG G 115 -35.35 25.65 -14.25
CA ARG G 115 -36.52 26.51 -14.05
C ARG G 115 -36.35 27.83 -14.82
N GLN G 116 -35.13 28.39 -14.80
CA GLN G 116 -34.75 29.61 -15.53
C GLN G 116 -34.89 29.40 -17.05
N LYS G 117 -34.48 28.21 -17.53
CA LYS G 117 -34.49 27.85 -18.95
C LYS G 117 -35.91 27.62 -19.49
N ILE G 118 -36.65 26.68 -18.88
CA ILE G 118 -37.99 26.27 -19.33
C ILE G 118 -39.04 27.39 -19.14
N ALA G 119 -39.08 28.07 -17.99
CA ALA G 119 -40.07 29.12 -17.74
C ALA G 119 -39.80 30.39 -18.55
N LYS G 120 -38.57 30.94 -18.45
CA LYS G 120 -38.18 32.16 -19.16
C LYS G 120 -36.86 31.94 -19.88
N SER H 7 35.61 3.44 54.39
CA SER H 7 34.38 2.67 54.58
C SER H 7 34.05 1.85 53.32
N PRO H 8 34.87 0.83 52.97
CA PRO H 8 34.60 0.03 51.76
C PRO H 8 33.84 -1.27 52.04
N ASN H 9 33.55 -2.01 50.96
CA ASN H 9 32.89 -3.32 51.00
C ASN H 9 33.98 -4.37 50.79
N PRO H 10 33.79 -5.65 51.16
CA PRO H 10 34.86 -6.64 50.89
C PRO H 10 35.08 -6.82 49.38
N PRO H 11 36.26 -7.31 48.96
CA PRO H 11 36.54 -7.46 47.52
C PRO H 11 35.59 -8.38 46.77
N LYS H 12 35.22 -9.54 47.36
CA LYS H 12 34.32 -10.52 46.76
C LYS H 12 32.92 -9.93 46.48
N LEU H 13 32.42 -9.05 47.36
CA LEU H 13 31.10 -8.43 47.21
C LEU H 13 31.08 -7.42 46.04
N THR H 14 32.13 -6.60 45.91
CA THR H 14 32.23 -5.64 44.80
C THR H 14 32.48 -6.39 43.47
N LYS H 15 33.17 -7.55 43.54
CA LYS H 15 33.48 -8.39 42.38
C LYS H 15 32.21 -9.01 41.79
N GLN H 16 31.39 -9.64 42.64
CA GLN H 16 30.12 -10.26 42.22
C GLN H 16 29.04 -9.23 41.84
N MET H 17 29.14 -7.97 42.32
CA MET H 17 28.19 -6.92 41.96
C MET H 17 28.34 -6.56 40.50
N ASN H 18 29.55 -6.13 40.09
CA ASN H 18 29.80 -5.75 38.70
C ASN H 18 29.77 -6.95 37.75
N ALA H 19 29.89 -8.19 38.27
CA ALA H 19 29.78 -9.40 37.44
C ALA H 19 28.32 -9.55 36.97
N ILE H 20 27.35 -9.21 37.85
CA ILE H 20 25.93 -9.25 37.53
C ILE H 20 25.56 -8.12 36.57
N ILE H 21 26.01 -6.88 36.84
CA ILE H 21 25.69 -5.71 36.00
C ILE H 21 26.32 -5.83 34.60
N ASP H 22 27.50 -6.48 34.48
CA ASP H 22 28.16 -6.71 33.18
C ASP H 22 27.33 -7.70 32.35
N THR H 23 26.67 -8.69 33.01
CA THR H 23 25.79 -9.65 32.33
C THR H 23 24.56 -8.94 31.78
N VAL H 24 23.99 -7.97 32.55
CA VAL H 24 22.83 -7.18 32.12
C VAL H 24 23.23 -6.23 30.98
N ILE H 25 24.38 -5.55 31.12
CA ILE H 25 24.88 -4.59 30.12
C ILE H 25 25.27 -5.29 28.80
N ASN H 26 26.00 -6.41 28.88
CA ASN H 26 26.44 -7.13 27.69
C ASN H 26 25.37 -8.09 27.09
N TYR H 27 24.17 -8.19 27.70
CA TYR H 27 23.10 -9.07 27.19
C TYR H 27 22.62 -8.64 25.80
N LYS H 28 22.39 -9.63 24.91
CA LYS H 28 21.88 -9.43 23.55
C LYS H 28 20.77 -10.43 23.26
N ASP H 29 19.70 -9.98 22.59
CA ASP H 29 18.55 -10.84 22.24
C ASP H 29 18.85 -11.69 21.00
N SER H 30 17.84 -12.47 20.52
CA SER H 30 17.96 -13.31 19.31
C SER H 30 18.40 -12.48 18.09
N SER H 31 17.92 -11.23 17.97
CA SER H 31 18.27 -10.33 16.87
C SER H 31 19.75 -9.87 16.90
N GLY H 32 20.39 -9.91 18.07
CA GLY H 32 21.77 -9.49 18.27
C GLY H 32 21.88 -8.06 18.79
N ARG H 33 20.73 -7.43 19.12
CA ARG H 33 20.68 -6.06 19.63
C ARG H 33 20.96 -6.03 21.12
N GLN H 34 21.85 -5.11 21.56
CA GLN H 34 22.17 -4.95 22.98
C GLN H 34 21.04 -4.12 23.61
N LEU H 35 20.25 -4.74 24.49
CA LEU H 35 19.08 -4.09 25.11
C LEU H 35 19.45 -2.88 25.99
N SER H 36 20.54 -2.99 26.76
CA SER H 36 21.00 -1.94 27.68
C SER H 36 21.44 -0.62 27.02
N GLU H 37 21.83 -0.65 25.72
CA GLU H 37 22.34 0.52 24.96
C GLU H 37 21.70 1.86 25.32
N VAL H 38 20.36 1.97 25.22
CA VAL H 38 19.62 3.19 25.52
C VAL H 38 19.63 3.55 27.02
N PHE H 39 19.76 2.55 27.90
CA PHE H 39 19.72 2.74 29.35
C PHE H 39 21.05 3.14 29.99
N ILE H 40 22.18 3.13 29.22
CA ILE H 40 23.50 3.44 29.78
C ILE H 40 23.65 4.91 30.15
N GLN H 41 23.20 5.84 29.30
CA GLN H 41 23.33 7.28 29.53
C GLN H 41 21.95 7.94 29.54
N LEU H 42 21.59 8.59 30.66
CA LEU H 42 20.33 9.31 30.83
C LEU H 42 20.40 10.59 29.98
N PRO H 43 19.32 11.06 29.32
CA PRO H 43 19.44 12.31 28.55
C PRO H 43 19.46 13.51 29.48
N SER H 44 20.16 14.58 29.10
CA SER H 44 20.25 15.78 29.95
C SER H 44 18.90 16.51 30.09
N ARG H 45 18.81 17.39 31.12
CA ARG H 45 17.62 18.20 31.39
C ARG H 45 17.27 19.13 30.22
N LYS H 46 18.29 19.58 29.46
CA LYS H 46 18.11 20.44 28.29
C LYS H 46 17.45 19.64 27.16
N GLU H 47 17.93 18.40 26.93
CA GLU H 47 17.41 17.52 25.86
C GLU H 47 15.99 17.05 26.12
N LEU H 48 15.74 16.46 27.29
CA LEU H 48 14.43 15.91 27.64
C LEU H 48 13.97 16.40 29.04
N PRO H 49 13.54 17.68 29.14
CA PRO H 49 13.05 18.20 30.44
C PRO H 49 11.80 17.49 30.97
N GLU H 50 11.00 16.89 30.07
CA GLU H 50 9.78 16.15 30.44
C GLU H 50 10.08 14.90 31.28
N TYR H 51 11.30 14.33 31.15
CA TYR H 51 11.73 13.16 31.92
C TYR H 51 11.89 13.50 33.39
N TYR H 52 12.50 14.66 33.68
CA TYR H 52 12.78 15.10 35.04
C TYR H 52 11.54 15.65 35.74
N GLU H 53 10.55 16.14 34.99
CA GLU H 53 9.28 16.61 35.55
C GLU H 53 8.49 15.42 36.14
N LEU H 54 8.55 14.25 35.47
CA LEU H 54 7.83 13.06 35.88
C LEU H 54 8.62 12.17 36.85
N ILE H 55 9.88 11.85 36.52
CA ILE H 55 10.72 10.95 37.34
C ILE H 55 11.40 11.73 38.48
N ARG H 56 11.23 11.23 39.73
CA ARG H 56 11.76 11.85 40.96
C ARG H 56 13.19 11.43 41.27
N LYS H 57 13.55 10.16 41.00
CA LYS H 57 14.89 9.63 41.24
C LYS H 57 15.46 9.03 39.93
N PRO H 58 15.94 9.87 39.00
CA PRO H 58 16.50 9.32 37.74
C PRO H 58 17.77 8.51 37.97
N VAL H 59 17.93 7.41 37.21
CA VAL H 59 19.10 6.54 37.32
C VAL H 59 19.36 5.84 35.97
N ASP H 60 20.64 5.60 35.67
CA ASP H 60 21.10 4.93 34.45
C ASP H 60 22.17 3.90 34.83
N PHE H 61 22.66 3.08 33.88
CA PHE H 61 23.70 2.10 34.19
C PHE H 61 25.07 2.76 34.47
N LYS H 62 25.29 4.02 34.05
CA LYS H 62 26.53 4.74 34.34
C LYS H 62 26.59 5.07 35.84
N LYS H 63 25.47 5.54 36.41
CA LYS H 63 25.40 5.88 37.84
C LYS H 63 25.39 4.61 38.71
N ILE H 64 24.88 3.47 38.19
CA ILE H 64 24.86 2.19 38.91
C ILE H 64 26.31 1.64 39.01
N LYS H 65 27.09 1.72 37.91
CA LYS H 65 28.50 1.30 37.88
C LYS H 65 29.36 2.21 38.78
N GLU H 66 28.98 3.50 38.88
CA GLU H 66 29.65 4.50 39.73
C GLU H 66 29.32 4.19 41.21
N ARG H 67 28.07 3.79 41.50
CA ARG H 67 27.65 3.44 42.87
C ARG H 67 28.27 2.12 43.37
N ILE H 68 28.71 1.22 42.46
CA ILE H 68 29.43 0.00 42.84
C ILE H 68 30.90 0.39 43.15
N ARG H 69 31.47 1.31 42.35
CA ARG H 69 32.84 1.80 42.55
C ARG H 69 32.99 2.56 43.88
N ASN H 70 32.01 3.43 44.22
CA ASN H 70 32.02 4.22 45.46
C ASN H 70 31.58 3.42 46.70
N HIS H 71 31.12 2.16 46.55
CA HIS H 71 30.66 1.31 47.66
C HIS H 71 29.39 1.88 48.32
N LYS H 72 28.49 2.49 47.52
CA LYS H 72 27.22 3.08 48.02
C LYS H 72 26.26 1.96 48.42
N TYR H 73 26.10 0.96 47.54
CA TYR H 73 25.24 -0.20 47.81
C TYR H 73 26.06 -1.11 48.74
N ARG H 74 25.52 -1.51 49.90
CA ARG H 74 26.27 -2.39 50.81
C ARG H 74 25.89 -3.87 50.67
N SER H 75 24.94 -4.21 49.76
CA SER H 75 24.52 -5.59 49.54
C SER H 75 23.97 -5.75 48.11
N LEU H 76 23.63 -6.99 47.72
CA LEU H 76 23.05 -7.28 46.41
C LEU H 76 21.60 -6.77 46.34
N GLY H 77 20.91 -6.76 47.47
CA GLY H 77 19.56 -6.24 47.57
C GLY H 77 19.50 -4.74 47.30
N ASP H 78 20.54 -4.00 47.77
CA ASP H 78 20.67 -2.56 47.52
C ASP H 78 20.94 -2.28 46.03
N LEU H 79 21.71 -3.17 45.36
CA LEU H 79 22.00 -3.06 43.92
C LEU H 79 20.71 -3.29 43.12
N GLU H 80 19.91 -4.32 43.49
CA GLU H 80 18.64 -4.65 42.85
C GLU H 80 17.64 -3.47 42.98
N LYS H 81 17.59 -2.85 44.18
CA LYS H 81 16.77 -1.67 44.53
C LYS H 81 16.87 -0.61 43.39
N ASP H 82 18.11 -0.32 42.93
CA ASP H 82 18.40 0.66 41.88
C ASP H 82 18.23 0.13 40.45
N VAL H 83 18.49 -1.16 40.19
CA VAL H 83 18.29 -1.75 38.85
C VAL H 83 16.76 -1.86 38.59
N MET H 84 15.97 -2.18 39.62
CA MET H 84 14.51 -2.23 39.49
C MET H 84 13.94 -0.81 39.36
N LEU H 85 14.56 0.19 40.04
CA LEU H 85 14.14 1.59 39.95
C LEU H 85 14.37 2.10 38.53
N LEU H 86 15.52 1.76 37.92
CA LEU H 86 15.86 2.11 36.53
C LEU H 86 14.76 1.60 35.59
N CYS H 87 14.38 0.34 35.76
CA CYS H 87 13.34 -0.31 34.96
C CYS H 87 11.95 0.26 35.21
N HIS H 88 11.60 0.58 36.48
CA HIS H 88 10.30 1.17 36.81
C HIS H 88 10.21 2.61 36.30
N ASN H 89 11.32 3.37 36.30
CA ASN H 89 11.36 4.75 35.75
C ASN H 89 11.13 4.69 34.24
N ALA H 90 11.77 3.72 33.57
CA ALA H 90 11.63 3.52 32.12
C ALA H 90 10.21 3.11 31.77
N GLN H 91 9.59 2.24 32.58
CA GLN H 91 8.22 1.80 32.35
C GLN H 91 7.24 2.95 32.59
N THR H 92 7.47 3.78 33.61
CA THR H 92 6.59 4.90 33.92
C THR H 92 6.67 6.00 32.87
N PHE H 93 7.88 6.37 32.42
CA PHE H 93 8.03 7.44 31.42
C PHE H 93 7.57 7.00 30.03
N ASN H 94 8.06 5.85 29.55
CA ASN H 94 7.78 5.38 28.20
C ASN H 94 6.44 4.67 28.04
N LEU H 95 5.89 4.06 29.11
CA LEU H 95 4.55 3.43 29.14
C LEU H 95 4.43 2.13 28.34
N GLU H 96 3.35 1.34 28.61
CA GLU H 96 3.11 0.05 27.96
C GLU H 96 3.14 0.13 26.44
N GLY H 97 3.72 -0.89 25.81
CA GLY H 97 3.83 -0.98 24.37
C GLY H 97 5.16 -0.52 23.80
N SER H 98 5.80 0.49 24.39
CA SER H 98 7.07 1.02 23.88
C SER H 98 8.19 0.00 23.96
N GLN H 99 9.19 0.13 23.08
CA GLN H 99 10.32 -0.79 23.05
C GLN H 99 11.15 -0.63 24.32
N ILE H 100 11.30 0.61 24.86
CA ILE H 100 12.03 0.87 26.11
C ILE H 100 11.32 0.13 27.27
N TYR H 101 9.98 0.16 27.31
CA TYR H 101 9.20 -0.55 28.34
C TYR H 101 9.46 -2.06 28.21
N GLU H 102 9.36 -2.60 26.97
CA GLU H 102 9.57 -4.02 26.70
C GLU H 102 11.01 -4.48 27.02
N ASP H 103 12.01 -3.64 26.70
CA ASP H 103 13.42 -3.94 27.01
C ASP H 103 13.67 -3.95 28.50
N SER H 104 12.97 -3.10 29.28
CA SER H 104 13.12 -3.04 30.73
C SER H 104 12.72 -4.36 31.40
N ILE H 105 11.57 -4.95 30.98
CA ILE H 105 11.08 -6.21 31.52
C ILE H 105 12.08 -7.35 31.34
N VAL H 106 12.68 -7.49 30.15
CA VAL H 106 13.64 -8.58 29.89
C VAL H 106 14.94 -8.28 30.67
N LEU H 107 15.37 -7.01 30.78
CA LEU H 107 16.56 -6.67 31.57
C LEU H 107 16.34 -6.94 33.09
N GLN H 108 15.09 -6.89 33.59
CA GLN H 108 14.78 -7.21 34.99
C GLN H 108 15.01 -8.70 35.24
N SER H 109 14.52 -9.58 34.35
CA SER H 109 14.70 -11.03 34.48
C SER H 109 16.17 -11.45 34.27
N VAL H 110 16.91 -10.74 33.38
CA VAL H 110 18.33 -11.02 33.15
C VAL H 110 19.14 -10.69 34.43
N PHE H 111 18.71 -9.68 35.21
CA PHE H 111 19.38 -9.34 36.48
C PHE H 111 19.11 -10.41 37.54
N LYS H 112 17.84 -10.86 37.67
CA LYS H 112 17.46 -11.86 38.67
C LYS H 112 18.04 -13.23 38.38
N SER H 113 18.05 -13.66 37.10
CA SER H 113 18.63 -14.95 36.73
C SER H 113 20.16 -14.91 36.87
N ALA H 114 20.78 -13.74 36.67
CA ALA H 114 22.23 -13.56 36.85
C ALA H 114 22.58 -13.52 38.33
N ARG H 115 21.72 -12.94 39.19
CA ARG H 115 21.94 -12.90 40.64
C ARG H 115 21.87 -14.32 41.23
N GLN H 116 20.90 -15.14 40.77
CA GLN H 116 20.76 -16.52 41.26
C GLN H 116 21.96 -17.37 40.77
N LYS H 117 22.47 -17.10 39.56
CA LYS H 117 23.60 -17.83 38.97
C LYS H 117 24.93 -17.52 39.70
N ILE H 118 25.32 -16.24 39.73
CA ILE H 118 26.59 -15.80 40.31
C ILE H 118 26.65 -16.03 41.83
N ALA H 119 25.63 -15.60 42.58
CA ALA H 119 25.63 -15.73 44.05
C ALA H 119 25.52 -17.19 44.52
N LYS H 120 24.45 -17.88 44.12
CA LYS H 120 24.18 -19.28 44.53
C LYS H 120 24.16 -20.19 43.31
#